data_2RD9
#
_entry.id   2RD9
#
_cell.length_a   147.330
_cell.length_b   147.330
_cell.length_c   147.330
_cell.angle_alpha   90.000
_cell.angle_beta   90.000
_cell.angle_gamma   90.000
#
_symmetry.space_group_name_H-M   'P 21 3'
#
loop_
_entity.id
_entity.type
_entity.pdbx_description
1 polymer 'BH0186 protein'
2 non-polymer 'NICKEL (II) ION'
3 non-polymer IMIDAZOLE
4 non-polymer GLYCEROL
5 water water
#
_entity_poly.entity_id   1
_entity_poly.type   'polypeptide(L)'
_entity_poly.pdbx_seq_one_letter_code
;(MSE)GSDKIHHHHHHENLYFQG(MSE)NFQ(MSE)NEAIQLLERTPKTLEVFLEGLSDSWHQCNEGYETWTVYEVVVHL
IEAEKTNWIPRLRFILQEGEHKPFPAFDRFSHLNQSNAVPISERFKEFQQLRKENLNTLRSLVQSEADLERTGAHPAFGV
VKVRELLSAWVVHDLTHIAQIVRS(MSE)AKRYDTDVGPWKEYLGILND
;
_entity_poly.pdbx_strand_id   A,B,C,D
#
loop_
_chem_comp.id
_chem_comp.type
_chem_comp.name
_chem_comp.formula
GOL non-polymer GLYCEROL 'C3 H8 O3'
IMD non-polymer IMIDAZOLE 'C3 H5 N2 1'
NI non-polymer 'NICKEL (II) ION' 'Ni 2'
#
# COMPACT_ATOMS: atom_id res chain seq x y z
N LYS A 5 -22.59 19.72 -19.37
CA LYS A 5 -21.32 19.17 -18.79
C LYS A 5 -21.52 17.73 -18.24
N ILE A 6 -20.82 16.79 -18.86
CA ILE A 6 -20.96 15.36 -18.58
C ILE A 6 -19.63 14.80 -18.10
N HIS A 7 -19.70 13.73 -17.31
CA HIS A 7 -18.52 12.95 -16.93
C HIS A 7 -18.54 11.54 -17.52
N HIS A 8 -17.34 10.97 -17.64
CA HIS A 8 -17.17 9.60 -18.16
C HIS A 8 -17.17 8.52 -17.06
N HIS A 9 -17.66 7.33 -17.43
CA HIS A 9 -17.56 6.15 -16.60
C HIS A 9 -16.21 5.42 -16.88
N HIS A 10 -15.43 5.17 -15.84
CA HIS A 10 -14.19 4.42 -15.95
C HIS A 10 -13.34 4.95 -17.12
N HIS A 11 -13.09 6.27 -17.05
CA HIS A 11 -12.58 7.07 -18.17
C HIS A 11 -11.31 6.44 -18.83
N HIS A 12 -10.37 5.99 -18.01
CA HIS A 12 -9.10 5.51 -18.54
C HIS A 12 -8.89 4.03 -18.33
N GLU A 13 -9.96 3.26 -18.17
CA GLU A 13 -9.86 1.80 -18.14
C GLU A 13 -8.88 1.24 -19.20
N ASN A 14 -9.03 1.73 -20.44
CA ASN A 14 -8.30 1.17 -21.59
C ASN A 14 -6.79 1.48 -21.58
N LEU A 15 -6.35 2.34 -20.67
CA LEU A 15 -4.95 2.68 -20.52
C LEU A 15 -4.22 1.69 -19.63
N TYR A 16 -4.95 0.77 -19.02
CA TYR A 16 -4.37 -0.06 -17.99
C TYR A 16 -4.22 -1.52 -18.39
N PHE A 17 -3.49 -1.75 -19.47
CA PHE A 17 -3.24 -3.08 -19.98
C PHE A 17 -1.83 -3.14 -20.58
N GLN A 18 -0.87 -3.46 -19.73
CA GLN A 18 0.54 -3.39 -20.05
C GLN A 18 1.04 -4.65 -20.76
N GLY A 19 1.90 -4.44 -21.76
CA GLY A 19 2.55 -5.51 -22.51
C GLY A 19 3.94 -5.82 -21.95
N MSE A 20 4.71 -6.56 -22.75
N MSE A 20 4.74 -6.54 -22.73
CA MSE A 20 6.07 -7.00 -22.40
CA MSE A 20 6.05 -6.98 -22.27
C MSE A 20 7.08 -5.90 -22.70
C MSE A 20 7.16 -6.03 -22.71
O MSE A 20 7.07 -5.37 -23.81
O MSE A 20 7.34 -5.78 -23.89
CB MSE A 20 6.45 -8.21 -23.25
CB MSE A 20 6.37 -8.35 -22.86
CG MSE A 20 5.51 -9.39 -23.15
CG MSE A 20 5.34 -9.39 -22.57
SE MSE A 20 5.47 -10.09 -21.36
SE MSE A 20 6.01 -11.09 -23.20
CE MSE A 20 3.94 -11.32 -21.57
CE MSE A 20 7.56 -10.53 -24.32
N ASN A 21 7.93 -5.54 -21.75
CA ASN A 21 8.98 -4.54 -22.01
C ASN A 21 10.41 -5.07 -21.90
N PHE A 22 10.59 -6.35 -21.56
CA PHE A 22 11.93 -6.95 -21.43
C PHE A 22 12.72 -6.85 -22.71
N GLN A 23 13.93 -6.27 -22.59
CA GLN A 23 14.97 -6.35 -23.62
C GLN A 23 16.22 -6.80 -22.86
N MSE A 24 17.01 -7.67 -23.49
CA MSE A 24 18.16 -8.31 -22.84
C MSE A 24 19.25 -7.31 -22.47
O MSE A 24 19.75 -7.33 -21.36
CB MSE A 24 18.72 -9.38 -23.76
CG MSE A 24 19.87 -10.14 -23.22
SE MSE A 24 19.51 -11.29 -21.70
CE MSE A 24 21.09 -12.37 -22.17
N ASN A 25 19.62 -6.45 -23.41
CA ASN A 25 20.60 -5.40 -23.16
C ASN A 25 20.18 -4.46 -22.02
N GLU A 26 18.90 -4.07 -22.01
CA GLU A 26 18.39 -3.13 -21.02
C GLU A 26 18.35 -3.79 -19.64
N ALA A 27 18.05 -5.09 -19.62
CA ALA A 27 18.00 -5.86 -18.38
C ALA A 27 19.39 -5.91 -17.75
N ILE A 28 20.38 -6.20 -18.58
CA ILE A 28 21.75 -6.33 -18.14
C ILE A 28 22.36 -5.04 -17.68
N GLN A 29 21.98 -3.91 -18.30
CA GLN A 29 22.36 -2.56 -17.85
C GLN A 29 22.03 -2.36 -16.38
N LEU A 30 20.80 -2.69 -15.99
CA LEU A 30 20.42 -2.57 -14.59
C LEU A 30 21.16 -3.56 -13.67
N LEU A 31 21.17 -4.83 -14.05
CA LEU A 31 21.79 -5.87 -13.18
C LEU A 31 23.26 -5.60 -12.96
N GLU A 32 23.92 -5.01 -13.96
CA GLU A 32 25.36 -4.72 -13.82
C GLU A 32 25.65 -3.52 -12.92
N ARG A 33 24.65 -2.67 -12.70
CA ARG A 33 24.77 -1.44 -11.93
C ARG A 33 24.42 -1.60 -10.46
N THR A 34 23.66 -2.63 -10.09
CA THR A 34 23.10 -2.71 -8.74
C THR A 34 24.16 -2.71 -7.64
N PRO A 35 25.21 -3.55 -7.78
CA PRO A 35 26.24 -3.58 -6.71
C PRO A 35 26.94 -2.22 -6.47
N LYS A 36 27.38 -1.57 -7.52
CA LYS A 36 28.06 -0.30 -7.38
C LYS A 36 27.13 0.80 -6.88
N THR A 37 25.87 0.78 -7.30
CA THR A 37 24.84 1.70 -6.75
C THR A 37 24.65 1.52 -5.24
N LEU A 38 24.54 0.27 -4.78
CA LEU A 38 24.34 0.04 -3.35
C LEU A 38 25.59 0.43 -2.53
N GLU A 39 26.76 0.13 -3.07
CA GLU A 39 27.99 0.54 -2.46
C GLU A 39 28.19 2.10 -2.38
N VAL A 40 27.93 2.84 -3.45
CA VAL A 40 28.12 4.28 -3.40
C VAL A 40 27.08 4.93 -2.47
N PHE A 41 25.90 4.32 -2.39
CA PHE A 41 24.80 4.78 -1.53
C PHE A 41 25.07 4.52 -0.04
N LEU A 42 25.55 3.33 0.29
CA LEU A 42 25.60 2.87 1.67
C LEU A 42 26.98 2.79 2.33
N GLU A 43 28.04 2.78 1.53
CA GLU A 43 29.41 2.65 2.04
C GLU A 43 29.81 3.92 2.79
N GLY A 44 30.23 3.71 4.04
CA GLY A 44 30.68 4.79 4.89
C GLY A 44 29.58 5.55 5.58
N LEU A 45 28.31 5.20 5.36
CA LEU A 45 27.24 5.71 6.20
C LEU A 45 27.45 5.16 7.61
N SER A 46 26.90 5.86 8.60
N SER A 46 26.91 5.86 8.61
CA SER A 46 26.85 5.36 9.99
CA SER A 46 26.93 5.34 10.00
C SER A 46 26.18 3.98 10.05
C SER A 46 26.18 4.00 10.08
N ASP A 47 26.59 3.17 11.02
CA ASP A 47 26.00 1.85 11.21
C ASP A 47 24.49 1.94 11.49
N SER A 48 24.05 3.07 12.04
CA SER A 48 22.64 3.36 12.26
C SER A 48 21.79 3.24 11.03
N TRP A 49 22.32 3.72 9.91
CA TRP A 49 21.60 3.65 8.66
C TRP A 49 21.52 2.18 8.19
N HIS A 50 22.59 1.41 8.43
CA HIS A 50 22.68 0.04 8.01
C HIS A 50 21.75 -0.88 8.86
N GLN A 51 21.47 -0.50 10.12
CA GLN A 51 20.62 -1.31 11.01
C GLN A 51 19.13 -0.88 11.00
N CYS A 52 18.75 0.06 10.17
N CYS A 52 18.80 0.06 10.13
CA CYS A 52 17.39 0.45 10.21
CA CYS A 52 17.45 0.52 9.88
C CYS A 52 16.57 -0.51 9.33
C CYS A 52 16.59 -0.62 9.33
N ASN A 53 15.32 -0.66 9.74
CA ASN A 53 14.37 -1.51 9.09
C ASN A 53 13.05 -0.78 8.95
N GLU A 54 12.02 -1.48 8.49
CA GLU A 54 10.68 -0.92 8.36
C GLU A 54 9.78 -1.32 9.54
N GLY A 55 10.38 -1.72 10.67
CA GLY A 55 9.65 -2.08 11.87
C GLY A 55 9.83 -3.52 12.25
N TYR A 56 9.13 -3.93 13.29
CA TYR A 56 9.23 -5.27 13.85
C TYR A 56 9.12 -6.35 12.82
N GLU A 57 10.04 -7.31 12.96
CA GLU A 57 10.18 -8.46 12.07
C GLU A 57 10.41 -8.17 10.60
N THR A 58 10.98 -7.01 10.30
CA THR A 58 11.41 -6.74 8.94
C THR A 58 12.92 -6.65 8.98
N TRP A 59 13.55 -6.85 7.82
CA TRP A 59 15.00 -6.94 7.72
C TRP A 59 15.67 -5.59 7.77
N THR A 60 16.89 -5.58 8.34
CA THR A 60 17.74 -4.40 8.32
C THR A 60 18.34 -4.18 6.91
N VAL A 61 18.80 -2.98 6.64
CA VAL A 61 19.48 -2.67 5.39
C VAL A 61 20.60 -3.70 5.14
N TYR A 62 21.40 -3.93 6.16
CA TYR A 62 22.49 -4.90 6.15
C TYR A 62 22.00 -6.27 5.67
N GLU A 63 20.92 -6.75 6.32
CA GLU A 63 20.31 -8.06 6.02
C GLU A 63 19.76 -8.17 4.59
N VAL A 64 19.30 -7.06 4.03
CA VAL A 64 18.86 -7.03 2.63
C VAL A 64 20.05 -7.23 1.69
N VAL A 65 21.16 -6.55 1.98
CA VAL A 65 22.39 -6.75 1.24
C VAL A 65 22.90 -8.25 1.37
N VAL A 66 22.90 -8.80 2.59
CA VAL A 66 23.25 -10.21 2.80
C VAL A 66 22.36 -11.11 1.92
N HIS A 67 21.06 -10.82 1.88
CA HIS A 67 20.07 -11.61 1.10
C HIS A 67 20.29 -11.53 -0.40
N LEU A 68 20.66 -10.35 -0.89
CA LEU A 68 20.95 -10.19 -2.30
C LEU A 68 22.17 -11.03 -2.70
N ILE A 69 23.15 -11.13 -1.80
CA ILE A 69 24.29 -12.01 -1.99
C ILE A 69 23.84 -13.47 -2.11
N GLU A 70 22.97 -13.89 -1.20
CA GLU A 70 22.43 -15.25 -1.21
C GLU A 70 21.70 -15.59 -2.52
N ALA A 71 20.90 -14.63 -3.03
CA ALA A 71 20.20 -14.80 -4.30
C ALA A 71 21.15 -15.03 -5.44
N GLU A 72 22.34 -14.40 -5.35
CA GLU A 72 23.39 -14.61 -6.35
C GLU A 72 24.00 -16.03 -6.32
N LYS A 73 23.99 -16.66 -5.16
CA LYS A 73 24.51 -18.04 -4.97
C LYS A 73 23.47 -19.13 -5.24
N THR A 74 22.21 -18.83 -4.91
CA THR A 74 21.17 -19.85 -4.74
C THR A 74 20.01 -19.80 -5.71
N ASN A 75 19.76 -18.65 -6.33
CA ASN A 75 18.48 -18.39 -7.00
C ASN A 75 18.58 -18.29 -8.54
N TRP A 76 18.98 -17.12 -9.06
CA TRP A 76 18.75 -16.77 -10.48
C TRP A 76 19.47 -17.65 -11.51
N ILE A 77 20.77 -17.77 -11.34
CA ILE A 77 21.60 -18.56 -12.27
C ILE A 77 21.39 -20.08 -12.12
N PRO A 78 21.37 -20.58 -10.88
CA PRO A 78 21.05 -22.01 -10.73
C PRO A 78 19.69 -22.42 -11.32
N ARG A 79 18.70 -21.53 -11.25
CA ARG A 79 17.40 -21.80 -11.88
C ARG A 79 17.45 -21.67 -13.42
N LEU A 80 18.16 -20.68 -13.89
CA LEU A 80 18.40 -20.54 -15.32
C LEU A 80 19.06 -21.79 -15.93
N ARG A 81 20.13 -22.27 -15.31
CA ARG A 81 20.77 -23.51 -15.76
C ARG A 81 19.82 -24.70 -15.81
N PHE A 82 19.00 -24.84 -14.78
CA PHE A 82 18.02 -25.93 -14.67
C PHE A 82 17.00 -25.83 -15.77
N ILE A 83 16.55 -24.62 -16.05
CA ILE A 83 15.53 -24.40 -17.09
C ILE A 83 16.10 -24.83 -18.44
N LEU A 84 17.33 -24.37 -18.74
CA LEU A 84 17.95 -24.62 -20.04
C LEU A 84 18.33 -26.10 -20.23
N GLN A 85 18.76 -26.76 -19.17
CA GLN A 85 19.10 -28.16 -19.20
C GLN A 85 17.89 -29.13 -19.11
N GLU A 86 16.98 -28.90 -18.18
CA GLU A 86 15.91 -29.85 -17.90
C GLU A 86 14.60 -29.53 -18.64
N GLY A 87 14.41 -28.27 -19.05
CA GLY A 87 13.14 -27.84 -19.62
C GLY A 87 11.93 -28.06 -18.69
N GLU A 88 10.77 -28.34 -19.28
CA GLU A 88 9.51 -28.52 -18.54
C GLU A 88 9.30 -29.92 -18.01
N HIS A 89 10.14 -30.87 -18.43
CA HIS A 89 10.07 -32.26 -17.94
C HIS A 89 10.03 -32.36 -16.44
N LYS A 90 10.70 -31.44 -15.77
CA LYS A 90 11.05 -31.57 -14.37
C LYS A 90 11.02 -30.16 -13.78
N PRO A 91 10.26 -29.97 -12.69
CA PRO A 91 10.26 -28.63 -12.11
C PRO A 91 11.53 -28.38 -11.33
N PHE A 92 12.01 -27.14 -11.34
CA PHE A 92 13.17 -26.80 -10.52
C PHE A 92 12.73 -26.78 -9.06
N PRO A 93 13.64 -27.08 -8.15
CA PRO A 93 13.29 -27.16 -6.74
C PRO A 93 12.74 -25.86 -6.13
N ALA A 94 11.78 -25.99 -5.22
CA ALA A 94 11.44 -24.89 -4.29
C ALA A 94 12.60 -24.68 -3.35
N PHE A 95 12.63 -23.52 -2.72
CA PHE A 95 13.74 -23.19 -1.83
C PHE A 95 13.62 -23.72 -0.40
N ASP A 96 12.45 -24.24 -0.06
CA ASP A 96 12.14 -24.57 1.32
C ASP A 96 12.68 -25.91 1.80
N ARG A 97 13.50 -26.58 1.00
N ARG A 97 13.54 -26.54 0.99
CA ARG A 97 14.07 -27.87 1.38
CA ARG A 97 14.08 -27.86 1.29
C ARG A 97 15.60 -27.84 1.48
C ARG A 97 15.56 -27.77 1.68
N PHE A 98 16.18 -26.65 1.33
CA PHE A 98 17.63 -26.47 1.35
C PHE A 98 17.97 -25.28 2.24
N SER A 99 18.45 -25.52 3.44
CA SER A 99 18.60 -24.47 4.43
C SER A 99 19.95 -23.77 4.30
N HIS A 100 20.08 -22.57 4.89
CA HIS A 100 21.35 -21.88 4.94
C HIS A 100 21.62 -21.40 6.34
N LEU A 101 22.89 -21.34 6.71
CA LEU A 101 23.27 -20.81 8.00
C LEU A 101 22.97 -19.33 8.03
N ASN A 102 22.34 -18.88 9.12
CA ASN A 102 22.21 -17.46 9.39
C ASN A 102 23.58 -16.89 9.52
N GLN A 103 23.83 -15.72 8.94
CA GLN A 103 25.16 -15.12 8.97
C GLN A 103 25.26 -14.01 9.97
N SER A 104 26.50 -13.69 10.29
CA SER A 104 26.85 -12.72 11.30
C SER A 104 26.66 -11.34 10.70
N ASN A 105 25.90 -10.47 11.39
CA ASN A 105 25.98 -9.03 11.14
C ASN A 105 27.35 -8.40 11.45
N ALA A 106 28.27 -9.15 12.03
CA ALA A 106 29.56 -8.58 12.45
C ALA A 106 30.56 -8.39 11.30
N VAL A 107 30.38 -9.12 10.18
CA VAL A 107 31.19 -8.92 8.99
C VAL A 107 30.98 -7.49 8.47
N PRO A 108 32.06 -6.75 8.27
CA PRO A 108 31.84 -5.39 7.83
C PRO A 108 31.11 -5.31 6.51
N ILE A 109 30.17 -4.38 6.42
CA ILE A 109 29.35 -4.24 5.21
C ILE A 109 30.24 -4.02 3.96
N SER A 110 31.39 -3.38 4.10
CA SER A 110 32.31 -3.21 2.96
C SER A 110 32.68 -4.55 2.30
N GLU A 111 32.81 -5.60 3.13
CA GLU A 111 33.10 -6.94 2.63
C GLU A 111 31.93 -7.55 1.84
N ARG A 112 30.72 -7.26 2.29
CA ARG A 112 29.52 -7.72 1.62
C ARG A 112 29.40 -7.13 0.25
N PHE A 113 29.71 -5.84 0.13
CA PHE A 113 29.65 -5.14 -1.16
C PHE A 113 30.65 -5.70 -2.16
N LYS A 114 31.83 -6.03 -1.66
CA LYS A 114 32.86 -6.61 -2.49
C LYS A 114 32.39 -7.99 -2.99
N GLU A 115 31.84 -8.79 -2.09
CA GLU A 115 31.31 -10.10 -2.45
C GLU A 115 30.16 -10.00 -3.45
N PHE A 116 29.24 -9.08 -3.23
CA PHE A 116 28.07 -8.92 -4.12
C PHE A 116 28.48 -8.52 -5.56
N GLN A 117 29.45 -7.62 -5.65
CA GLN A 117 29.94 -7.15 -6.94
C GLN A 117 30.66 -8.29 -7.67
N GLN A 118 31.45 -9.06 -6.94
CA GLN A 118 32.13 -10.19 -7.53
C GLN A 118 31.16 -11.24 -8.06
N LEU A 119 30.17 -11.58 -7.24
CA LEU A 119 29.21 -12.62 -7.60
C LEU A 119 28.33 -12.18 -8.76
N ARG A 120 27.95 -10.90 -8.75
CA ARG A 120 27.13 -10.37 -9.84
C ARG A 120 27.92 -10.36 -11.16
N LYS A 121 29.18 -9.96 -11.09
CA LYS A 121 30.01 -9.91 -12.25
C LYS A 121 30.12 -11.30 -12.89
N GLU A 122 30.49 -12.30 -12.09
CA GLU A 122 30.49 -13.72 -12.51
C GLU A 122 29.16 -14.18 -13.11
N ASN A 123 28.06 -13.86 -12.43
CA ASN A 123 26.72 -14.29 -12.85
C ASN A 123 26.25 -13.70 -14.18
N LEU A 124 26.68 -12.47 -14.46
CA LEU A 124 26.39 -11.84 -15.75
C LEU A 124 27.21 -12.45 -16.93
N ASN A 125 28.45 -12.85 -16.66
CA ASN A 125 29.19 -13.68 -17.63
C ASN A 125 28.49 -15.00 -17.93
N THR A 126 28.17 -15.78 -16.89
CA THR A 126 27.37 -16.98 -17.08
C THR A 126 26.07 -16.74 -17.88
N LEU A 127 25.36 -15.66 -17.55
CA LEU A 127 24.09 -15.35 -18.25
C LEU A 127 24.32 -15.25 -19.74
N ARG A 128 25.37 -14.51 -20.11
CA ARG A 128 25.71 -14.31 -21.52
C ARG A 128 26.17 -15.60 -22.22
N SER A 129 26.79 -16.52 -21.47
CA SER A 129 27.17 -17.83 -21.98
C SER A 129 25.96 -18.66 -22.28
N LEU A 130 25.00 -18.63 -21.35
CA LEU A 130 23.82 -19.51 -21.44
C LEU A 130 22.71 -18.96 -22.33
N VAL A 131 22.43 -17.67 -22.22
CA VAL A 131 21.38 -17.04 -23.01
C VAL A 131 22.01 -16.19 -24.12
N GLN A 132 22.04 -16.73 -25.33
CA GLN A 132 22.79 -16.13 -26.44
C GLN A 132 21.92 -15.59 -27.57
N SER A 133 20.67 -16.06 -27.64
CA SER A 133 19.72 -15.62 -28.66
C SER A 133 18.39 -15.28 -28.05
N GLU A 134 17.60 -14.50 -28.78
CA GLU A 134 16.20 -14.30 -28.49
C GLU A 134 15.43 -15.61 -28.33
N ALA A 135 15.75 -16.62 -29.13
CA ALA A 135 15.12 -17.93 -28.97
C ALA A 135 15.34 -18.50 -27.56
N ASP A 136 16.51 -18.26 -26.97
CA ASP A 136 16.82 -18.80 -25.61
C ASP A 136 15.96 -18.18 -24.49
N LEU A 137 15.50 -16.96 -24.74
CA LEU A 137 14.59 -16.26 -23.85
C LEU A 137 13.17 -16.91 -23.79
N GLU A 138 12.76 -17.56 -24.88
CA GLU A 138 11.42 -18.16 -25.00
C GLU A 138 11.40 -19.61 -24.50
N ARG A 139 12.56 -20.06 -24.03
CA ARG A 139 12.69 -21.38 -23.43
C ARG A 139 12.00 -21.47 -22.09
N THR A 140 11.33 -22.61 -21.93
CA THR A 140 10.43 -22.83 -20.84
C THR A 140 10.95 -23.95 -19.92
N GLY A 141 10.74 -23.70 -18.63
CA GLY A 141 10.87 -24.67 -17.59
C GLY A 141 9.61 -24.67 -16.74
N ALA A 142 9.72 -25.26 -15.55
CA ALA A 142 8.58 -25.56 -14.68
C ALA A 142 8.88 -25.14 -13.25
N HIS A 143 8.16 -24.10 -12.81
CA HIS A 143 8.16 -23.68 -11.41
C HIS A 143 7.35 -24.70 -10.62
N PRO A 144 7.87 -25.11 -9.44
CA PRO A 144 7.18 -26.19 -8.69
C PRO A 144 5.75 -25.85 -8.23
N ALA A 145 5.37 -24.58 -8.20
CA ALA A 145 4.01 -24.16 -7.87
C ALA A 145 3.32 -23.38 -9.01
N PHE A 146 4.05 -22.51 -9.69
CA PHE A 146 3.45 -21.64 -10.70
C PHE A 146 3.27 -22.29 -12.07
N GLY A 147 3.91 -23.41 -12.35
CA GLY A 147 3.78 -24.04 -13.67
C GLY A 147 4.80 -23.50 -14.66
N VAL A 148 4.47 -23.53 -15.95
CA VAL A 148 5.42 -23.14 -17.01
C VAL A 148 5.90 -21.68 -16.85
N VAL A 149 7.21 -21.51 -16.90
CA VAL A 149 7.83 -20.21 -16.87
C VAL A 149 8.84 -20.15 -18.02
N LYS A 150 9.01 -18.94 -18.55
CA LYS A 150 9.99 -18.64 -19.57
C LYS A 150 11.25 -18.04 -18.97
N VAL A 151 12.35 -18.18 -19.72
CA VAL A 151 13.63 -17.61 -19.34
C VAL A 151 13.49 -16.09 -19.14
N ARG A 152 12.81 -15.42 -20.06
N ARG A 152 12.83 -15.41 -20.07
CA ARG A 152 12.60 -13.96 -19.96
CA ARG A 152 12.62 -13.96 -19.95
C ARG A 152 11.86 -13.56 -18.68
C ARG A 152 11.88 -13.57 -18.66
N GLU A 153 10.98 -14.43 -18.20
CA GLU A 153 10.26 -14.21 -16.97
C GLU A 153 11.16 -14.36 -15.73
N LEU A 154 12.07 -15.33 -15.72
CA LEU A 154 13.12 -15.43 -14.66
C LEU A 154 14.05 -14.24 -14.66
N LEU A 155 14.48 -13.82 -15.86
CA LEU A 155 15.42 -12.70 -15.98
C LEU A 155 14.73 -11.42 -15.58
N SER A 156 13.45 -11.28 -15.94
CA SER A 156 12.69 -10.10 -15.57
C SER A 156 12.48 -10.06 -14.05
N ALA A 157 12.14 -11.22 -13.46
CA ALA A 157 11.97 -11.30 -12.03
C ALA A 157 13.27 -10.91 -11.27
N TRP A 158 14.41 -11.29 -11.83
CA TRP A 158 15.74 -10.97 -11.30
C TRP A 158 15.95 -9.46 -11.21
N VAL A 159 15.65 -8.75 -12.31
CA VAL A 159 15.77 -7.28 -12.35
C VAL A 159 14.89 -6.61 -11.32
N VAL A 160 13.64 -7.03 -11.26
CA VAL A 160 12.68 -6.54 -10.33
C VAL A 160 13.04 -6.87 -8.91
N HIS A 161 13.58 -8.06 -8.67
CA HIS A 161 14.11 -8.41 -7.34
C HIS A 161 15.09 -7.34 -6.83
N ASP A 162 16.09 -7.03 -7.66
CA ASP A 162 17.06 -5.99 -7.34
C ASP A 162 16.33 -4.71 -6.95
N LEU A 163 15.45 -4.26 -7.82
CA LEU A 163 14.81 -2.98 -7.63
C LEU A 163 13.92 -2.97 -6.37
N THR A 164 13.21 -4.06 -6.15
CA THR A 164 12.30 -4.22 -5.00
C THR A 164 13.08 -4.15 -3.68
N HIS A 165 14.25 -4.78 -3.66
CA HIS A 165 15.11 -4.72 -2.49
C HIS A 165 15.84 -3.38 -2.28
N ILE A 166 16.24 -2.72 -3.36
CA ILE A 166 16.69 -1.31 -3.30
C ILE A 166 15.63 -0.45 -2.60
N ALA A 167 14.38 -0.60 -3.02
CA ALA A 167 13.26 0.18 -2.48
C ALA A 167 13.04 -0.13 -1.02
N GLN A 168 13.22 -1.40 -0.64
CA GLN A 168 13.12 -1.78 0.74
C GLN A 168 14.19 -1.08 1.58
N ILE A 169 15.42 -1.02 1.08
CA ILE A 169 16.53 -0.36 1.76
C ILE A 169 16.19 1.13 1.95
N VAL A 170 15.80 1.80 0.87
CA VAL A 170 15.42 3.22 0.89
C VAL A 170 14.26 3.52 1.87
N ARG A 171 13.22 2.70 1.86
CA ARG A 171 12.08 2.87 2.76
C ARG A 171 12.44 2.69 4.24
N SER A 172 13.33 1.74 4.51
CA SER A 172 13.81 1.50 5.87
C SER A 172 14.56 2.72 6.43
N MSE A 173 15.41 3.29 5.58
CA MSE A 173 16.12 4.51 5.95
C MSE A 173 15.17 5.69 6.15
O MSE A 173 15.27 6.37 7.17
CB MSE A 173 17.19 4.79 4.91
CG MSE A 173 18.29 3.73 4.89
SE MSE A 173 19.48 3.84 3.40
CE MSE A 173 20.31 5.48 3.70
N ALA A 174 14.24 5.91 5.24
CA ALA A 174 13.23 6.97 5.40
C ALA A 174 12.46 6.87 6.72
N LYS A 175 12.13 5.65 7.10
CA LYS A 175 11.27 5.36 8.24
C LYS A 175 11.89 5.85 9.55
N ARG A 176 13.19 5.79 9.60
CA ARG A 176 13.93 6.34 10.74
C ARG A 176 13.49 7.76 11.18
N TYR A 177 13.01 8.58 10.24
CA TYR A 177 12.67 9.98 10.50
C TYR A 177 11.17 10.23 10.50
N ASP A 178 10.37 9.18 10.66
CA ASP A 178 8.89 9.31 10.73
C ASP A 178 8.44 10.39 11.70
N THR A 179 8.97 10.37 12.91
CA THR A 179 8.60 11.37 13.93
C THR A 179 9.35 12.68 13.66
N ASP A 180 10.62 12.56 13.28
CA ASP A 180 11.47 13.73 12.98
C ASP A 180 10.91 14.73 11.95
N VAL A 181 10.23 14.25 10.91
CA VAL A 181 9.73 15.12 9.87
C VAL A 181 8.56 15.98 10.36
N GLY A 182 8.00 15.63 11.51
CA GLY A 182 6.91 16.40 12.12
C GLY A 182 5.73 16.59 11.16
N PRO A 183 5.28 17.84 10.92
CA PRO A 183 4.07 18.05 10.10
C PRO A 183 4.20 17.72 8.59
N TRP A 184 5.42 17.45 8.15
CA TRP A 184 5.67 17.04 6.77
C TRP A 184 5.29 15.58 6.47
N LYS A 185 5.05 14.80 7.52
CA LYS A 185 4.79 13.36 7.36
C LYS A 185 3.70 13.06 6.31
N GLU A 186 2.54 13.68 6.45
CA GLU A 186 1.44 13.38 5.50
C GLU A 186 1.83 13.73 4.06
N TYR A 187 2.31 14.94 3.83
CA TYR A 187 2.63 15.34 2.45
C TYR A 187 3.75 14.49 1.79
N LEU A 188 4.66 13.93 2.60
CA LEU A 188 5.78 13.12 2.08
C LEU A 188 5.30 11.78 1.57
N GLY A 189 4.06 11.42 1.94
CA GLY A 189 3.37 10.31 1.30
C GLY A 189 2.64 10.64 0.00
N ILE A 190 2.64 11.90 -0.44
CA ILE A 190 1.89 12.34 -1.64
C ILE A 190 2.85 12.65 -2.78
N LEU A 191 2.76 11.88 -3.85
CA LEU A 191 3.67 12.03 -4.98
C LEU A 191 3.03 12.72 -6.18
N ASN A 192 3.87 13.06 -7.15
CA ASN A 192 3.41 13.61 -8.44
C ASN A 192 2.62 14.89 -8.26
N ASP A 193 3.15 15.78 -7.42
CA ASP A 193 2.49 17.04 -7.03
C ASP A 193 3.50 18.14 -6.74
N ASP B 4 -1.33 -26.22 25.18
CA ASP B 4 -2.64 -25.62 24.76
C ASP B 4 -2.41 -24.27 24.07
N LYS B 5 -3.12 -24.03 22.96
CA LYS B 5 -2.80 -22.94 22.03
C LYS B 5 -3.51 -21.60 22.38
N ILE B 6 -2.70 -20.55 22.40
CA ILE B 6 -3.05 -19.27 22.95
C ILE B 6 -2.58 -18.18 21.99
N HIS B 7 -3.07 -16.97 22.23
CA HIS B 7 -2.67 -15.82 21.49
C HIS B 7 -2.77 -14.62 22.39
N HIS B 8 -2.18 -13.54 21.91
CA HIS B 8 -2.27 -12.26 22.56
C HIS B 8 -3.09 -11.31 21.67
N HIS B 9 -3.92 -10.48 22.30
CA HIS B 9 -4.64 -9.42 21.64
C HIS B 9 -3.66 -8.36 21.25
N HIS B 10 -3.70 -7.89 20.00
CA HIS B 10 -2.83 -6.78 19.55
C HIS B 10 -1.44 -6.85 20.19
N HIS B 11 -0.81 -7.99 19.91
CA HIS B 11 0.36 -8.49 20.60
C HIS B 11 1.50 -7.48 20.64
N HIS B 12 1.79 -6.86 19.50
CA HIS B 12 2.97 -5.97 19.39
C HIS B 12 2.66 -4.51 19.22
N GLU B 13 1.51 -4.12 19.75
CA GLU B 13 1.08 -2.73 19.74
C GLU B 13 2.16 -1.78 20.20
N ASN B 14 2.87 -2.12 21.28
CA ASN B 14 3.82 -1.18 21.91
C ASN B 14 5.01 -0.84 21.03
N LEU B 15 5.29 -1.70 20.05
CA LEU B 15 6.46 -1.52 19.22
C LEU B 15 6.30 -0.45 18.17
N TYR B 16 5.08 0.03 17.93
CA TYR B 16 4.81 0.89 16.80
C TYR B 16 4.69 2.31 17.28
N PHE B 17 5.82 2.79 17.79
CA PHE B 17 5.97 4.13 18.34
C PHE B 17 7.47 4.47 18.27
N GLN B 18 7.79 5.71 17.99
CA GLN B 18 9.14 6.06 17.59
C GLN B 18 9.47 7.45 18.08
N GLY B 19 10.67 7.63 18.60
CA GLY B 19 11.15 8.95 18.91
C GLY B 19 11.85 9.58 17.71
N MSE B 20 12.57 10.64 18.03
CA MSE B 20 13.32 11.41 17.08
C MSE B 20 14.72 10.81 16.97
O MSE B 20 15.38 10.57 17.99
CB MSE B 20 13.39 12.85 17.56
CG MSE B 20 12.08 13.63 17.37
SE MSE B 20 12.36 15.42 18.08
CE MSE B 20 10.62 16.04 17.43
N ASN B 21 15.13 10.51 15.72
CA ASN B 21 16.44 9.86 15.41
C ASN B 21 17.42 10.76 14.62
N PHE B 22 17.01 11.97 14.32
CA PHE B 22 17.82 12.88 13.54
C PHE B 22 19.11 13.14 14.23
N GLN B 23 20.19 13.07 13.45
CA GLN B 23 21.54 13.49 13.84
C GLN B 23 22.11 14.29 12.66
N MSE B 24 22.63 15.47 12.91
CA MSE B 24 23.16 16.30 11.85
C MSE B 24 24.17 15.56 10.96
O MSE B 24 24.04 15.58 9.74
CB MSE B 24 23.83 17.52 12.44
CG MSE B 24 24.35 18.48 11.40
SE MSE B 24 22.96 19.50 10.50
CE MSE B 24 24.10 21.01 10.00
N ASN B 25 25.17 14.93 11.57
CA ASN B 25 26.20 14.21 10.83
C ASN B 25 25.63 13.12 9.94
N GLU B 26 24.68 12.36 10.49
CA GLU B 26 24.08 11.27 9.79
C GLU B 26 23.19 11.70 8.64
N ALA B 27 22.47 12.82 8.82
CA ALA B 27 21.65 13.41 7.77
C ALA B 27 22.52 13.87 6.59
N ILE B 28 23.63 14.53 6.92
CA ILE B 28 24.59 15.01 5.92
C ILE B 28 25.19 13.85 5.16
N GLN B 29 25.45 12.70 5.82
CA GLN B 29 25.95 11.52 5.11
C GLN B 29 25.04 11.12 3.98
N LEU B 30 23.75 11.06 4.23
CA LEU B 30 22.80 10.73 3.17
C LEU B 30 22.76 11.82 2.11
N LEU B 31 22.54 13.06 2.54
CA LEU B 31 22.32 14.15 1.61
C LEU B 31 23.51 14.28 0.67
N GLU B 32 24.71 14.03 1.16
CA GLU B 32 25.89 14.20 0.31
C GLU B 32 26.06 13.06 -0.72
N ARG B 33 25.34 11.95 -0.55
CA ARG B 33 25.44 10.75 -1.41
C ARG B 33 24.39 10.64 -2.54
N THR B 34 23.22 11.23 -2.37
CA THR B 34 22.11 11.07 -3.31
C THR B 34 22.51 11.36 -4.76
N PRO B 35 23.22 12.50 -5.01
CA PRO B 35 23.55 12.80 -6.39
C PRO B 35 24.42 11.75 -7.08
N LYS B 36 25.49 11.31 -6.41
N LYS B 36 25.48 11.29 -6.42
CA LYS B 36 26.39 10.29 -6.98
CA LYS B 36 26.36 10.28 -7.01
C LYS B 36 25.69 8.94 -7.14
C LYS B 36 25.63 8.97 -7.19
N THR B 37 24.83 8.62 -6.18
CA THR B 37 23.99 7.42 -6.23
C THR B 37 23.06 7.40 -7.45
N LEU B 38 22.30 8.48 -7.65
CA LEU B 38 21.45 8.60 -8.86
C LEU B 38 22.24 8.58 -10.18
N GLU B 39 23.40 9.21 -10.20
CA GLU B 39 24.26 9.18 -11.40
C GLU B 39 24.78 7.77 -11.69
N VAL B 40 25.33 7.07 -10.69
CA VAL B 40 25.82 5.68 -10.90
C VAL B 40 24.70 4.72 -11.38
N PHE B 41 23.50 4.94 -10.83
CA PHE B 41 22.34 4.10 -11.07
C PHE B 41 21.73 4.32 -12.46
N LEU B 42 21.64 5.58 -12.87
CA LEU B 42 20.87 5.96 -14.03
C LEU B 42 21.75 6.32 -15.24
N GLU B 43 22.97 6.75 -15.01
CA GLU B 43 23.79 7.26 -16.13
C GLU B 43 24.13 6.16 -17.09
N GLY B 44 23.82 6.40 -18.35
CA GLY B 44 24.14 5.46 -19.40
C GLY B 44 23.11 4.37 -19.53
N LEU B 45 22.07 4.41 -18.69
CA LEU B 45 20.91 3.57 -18.96
C LEU B 45 20.24 4.04 -20.25
N SER B 46 19.55 3.12 -20.90
CA SER B 46 18.76 3.44 -22.08
C SER B 46 17.62 4.39 -21.73
N ASP B 47 17.24 5.24 -22.68
CA ASP B 47 16.27 6.28 -22.39
C ASP B 47 14.97 5.71 -21.88
N SER B 48 14.64 4.50 -22.32
CA SER B 48 13.48 3.74 -21.85
C SER B 48 13.32 3.76 -20.32
N TRP B 49 14.44 3.59 -19.65
CA TRP B 49 14.49 3.58 -18.20
C TRP B 49 14.20 4.99 -17.64
N HIS B 50 14.65 6.02 -18.36
CA HIS B 50 14.54 7.40 -17.91
C HIS B 50 13.13 7.97 -18.14
N GLN B 51 12.39 7.35 -19.03
CA GLN B 51 11.04 7.78 -19.37
C GLN B 51 9.94 6.98 -18.67
N CYS B 52 10.28 5.94 -17.94
N CYS B 52 10.34 5.94 -17.94
CA CYS B 52 9.24 5.17 -17.27
CA CYS B 52 9.47 5.16 -17.02
C CYS B 52 8.75 5.88 -16.00
C CYS B 52 8.71 6.01 -16.01
N ASN B 53 7.51 5.56 -15.67
CA ASN B 53 6.78 6.10 -14.56
C ASN B 53 6.00 4.96 -13.86
N GLU B 54 5.14 5.31 -12.91
CA GLU B 54 4.28 4.31 -12.24
C GLU B 54 2.88 4.35 -12.84
N GLY B 55 2.77 4.64 -14.13
CA GLY B 55 1.48 4.67 -14.81
C GLY B 55 0.93 6.06 -15.06
N TYR B 56 -0.21 6.09 -15.73
CA TYR B 56 -0.83 7.29 -16.28
C TYR B 56 -0.91 8.45 -15.29
N GLU B 57 -0.43 9.62 -15.74
CA GLU B 57 -0.32 10.84 -14.96
C GLU B 57 0.61 10.81 -13.74
N THR B 58 1.72 10.06 -13.83
CA THR B 58 2.76 10.06 -12.82
C THR B 58 4.06 10.53 -13.46
N TRP B 59 4.98 11.10 -12.67
CA TRP B 59 6.16 11.68 -13.27
C TRP B 59 7.14 10.63 -13.74
N THR B 60 7.86 10.93 -14.82
CA THR B 60 8.92 10.03 -15.28
C THR B 60 10.13 10.14 -14.35
N VAL B 61 11.03 9.15 -14.45
CA VAL B 61 12.32 9.16 -13.76
C VAL B 61 13.07 10.46 -14.04
N TYR B 62 13.13 10.87 -15.29
CA TYR B 62 13.84 12.11 -15.63
C TYR B 62 13.23 13.30 -14.89
N GLU B 63 11.89 13.35 -14.88
CA GLU B 63 11.14 14.44 -14.28
C GLU B 63 11.32 14.44 -12.77
N VAL B 64 11.48 13.26 -12.17
CA VAL B 64 11.76 13.24 -10.73
C VAL B 64 13.15 13.88 -10.40
N VAL B 65 14.17 13.61 -11.22
CA VAL B 65 15.50 14.20 -11.04
C VAL B 65 15.47 15.72 -11.25
N VAL B 66 14.68 16.18 -12.23
CA VAL B 66 14.53 17.60 -12.46
C VAL B 66 13.86 18.19 -11.22
N HIS B 67 12.88 17.49 -10.67
CA HIS B 67 12.18 17.96 -9.51
C HIS B 67 13.14 18.13 -8.31
N LEU B 68 14.08 17.19 -8.18
CA LEU B 68 15.07 17.22 -7.11
C LEU B 68 15.97 18.43 -7.30
N ILE B 69 16.35 18.71 -8.54
CA ILE B 69 17.10 19.92 -8.86
C ILE B 69 16.31 21.18 -8.48
N GLU B 70 15.02 21.22 -8.81
CA GLU B 70 14.20 22.38 -8.47
C GLU B 70 14.13 22.67 -6.94
N ALA B 71 13.99 21.63 -6.12
CA ALA B 71 14.01 21.76 -4.67
C ALA B 71 15.36 22.27 -4.13
N GLU B 72 16.45 21.93 -4.81
CA GLU B 72 17.77 22.43 -4.43
C GLU B 72 17.88 23.93 -4.66
N LYS B 73 17.19 24.42 -5.71
CA LYS B 73 17.18 25.82 -6.04
C LYS B 73 16.24 26.62 -5.15
N THR B 74 15.04 26.12 -4.95
CA THR B 74 13.95 26.92 -4.43
C THR B 74 13.39 26.51 -3.05
N ASN B 75 13.74 25.33 -2.53
CA ASN B 75 13.03 24.75 -1.37
C ASN B 75 13.81 24.76 -0.04
N TRP B 76 14.67 23.78 0.17
CA TRP B 76 15.26 23.51 1.51
C TRP B 76 16.05 24.67 2.06
N ILE B 77 17.07 25.11 1.33
CA ILE B 77 17.97 26.11 1.84
C ILE B 77 17.29 27.46 1.99
N PRO B 78 16.55 27.91 0.97
CA PRO B 78 15.74 29.14 1.13
C PRO B 78 14.81 29.15 2.34
N ARG B 79 14.25 28.01 2.72
CA ARG B 79 13.35 27.95 3.87
C ARG B 79 14.15 27.90 5.17
N LEU B 80 15.30 27.24 5.15
CA LEU B 80 16.21 27.28 6.30
C LEU B 80 16.63 28.70 6.63
N ARG B 81 17.08 29.44 5.61
CA ARG B 81 17.41 30.86 5.77
C ARG B 81 16.28 31.67 6.31
N PHE B 82 15.08 31.41 5.81
CA PHE B 82 13.89 32.15 6.21
C PHE B 82 13.57 31.89 7.67
N ILE B 83 13.63 30.63 8.10
CA ILE B 83 13.47 30.25 9.52
C ILE B 83 14.46 31.06 10.38
N LEU B 84 15.74 30.99 10.03
CA LEU B 84 16.80 31.59 10.84
C LEU B 84 16.75 33.10 10.81
N GLN B 85 16.24 33.67 9.73
CA GLN B 85 16.22 35.13 9.59
C GLN B 85 14.92 35.79 10.02
N GLU B 86 13.79 35.15 9.74
CA GLU B 86 12.48 35.71 10.05
C GLU B 86 11.84 35.13 11.33
N GLY B 87 12.31 33.97 11.75
CA GLY B 87 11.67 33.26 12.84
C GLY B 87 10.20 33.01 12.51
N GLU B 88 9.35 33.15 13.51
CA GLU B 88 7.94 32.84 13.38
C GLU B 88 7.14 34.05 12.92
N HIS B 89 7.79 35.19 12.76
CA HIS B 89 7.07 36.44 12.46
C HIS B 89 6.48 36.49 11.07
N LYS B 90 6.93 35.61 10.19
CA LYS B 90 6.41 35.56 8.83
C LYS B 90 6.41 34.11 8.39
N PRO B 91 5.37 33.71 7.63
CA PRO B 91 5.28 32.35 7.05
C PRO B 91 6.13 32.22 5.80
N PHE B 92 6.63 31.01 5.52
CA PHE B 92 7.43 30.80 4.32
C PHE B 92 6.67 31.28 3.11
N PRO B 93 7.39 31.87 2.16
CA PRO B 93 6.73 32.25 0.94
C PRO B 93 6.37 31.04 0.12
N ALA B 94 5.43 31.24 -0.80
CA ALA B 94 5.03 30.21 -1.75
C ALA B 94 6.16 30.00 -2.75
N PHE B 95 6.20 28.81 -3.34
CA PHE B 95 7.11 28.50 -4.43
C PHE B 95 6.59 29.03 -5.77
N ASP B 96 7.54 29.32 -6.68
CA ASP B 96 7.28 29.97 -7.98
C ASP B 96 6.99 31.48 -7.70
N ARG B 97 5.82 32.00 -8.11
CA ARG B 97 5.39 33.36 -7.76
C ARG B 97 5.91 34.40 -8.77
N SER B 104 12.43 21.70 -20.13
CA SER B 104 12.97 21.01 -21.30
C SER B 104 13.45 19.61 -20.93
N ASN B 105 12.66 18.61 -21.30
CA ASN B 105 13.09 17.20 -21.24
C ASN B 105 14.27 16.88 -22.18
N ALA B 106 14.57 17.83 -23.07
CA ALA B 106 15.60 17.70 -24.11
C ALA B 106 17.02 17.70 -23.53
N VAL B 107 17.22 18.42 -22.42
CA VAL B 107 18.53 18.49 -21.75
C VAL B 107 18.97 17.07 -21.32
N PRO B 108 20.11 16.56 -21.82
CA PRO B 108 20.59 15.24 -21.45
C PRO B 108 20.59 15.03 -19.94
N ILE B 109 20.21 13.83 -19.52
CA ILE B 109 20.11 13.51 -18.12
C ILE B 109 21.49 13.66 -17.45
N SER B 110 22.57 13.48 -18.22
CA SER B 110 23.94 13.66 -17.70
C SER B 110 24.26 15.08 -17.25
N GLU B 111 23.68 16.05 -17.96
CA GLU B 111 23.74 17.45 -17.58
C GLU B 111 22.94 17.65 -16.32
N ARG B 112 21.81 16.98 -16.17
CA ARG B 112 21.04 17.07 -14.90
C ARG B 112 21.81 16.59 -13.69
N PHE B 113 22.46 15.43 -13.82
CA PHE B 113 23.30 14.87 -12.74
C PHE B 113 24.40 15.82 -12.31
N LYS B 114 25.07 16.44 -13.27
CA LYS B 114 26.09 17.43 -13.01
C LYS B 114 25.52 18.61 -12.23
N GLU B 115 24.35 19.09 -12.65
CA GLU B 115 23.70 20.23 -11.98
C GLU B 115 23.31 19.91 -10.53
N PHE B 116 22.70 18.73 -10.33
CA PHE B 116 22.22 18.29 -9.00
C PHE B 116 23.39 18.13 -8.05
N GLN B 117 24.50 17.59 -8.56
CA GLN B 117 25.69 17.37 -7.73
C GLN B 117 26.30 18.71 -7.31
N GLN B 118 26.39 19.66 -8.25
CA GLN B 118 26.86 20.99 -7.95
C GLN B 118 25.94 21.71 -6.94
N LEU B 119 24.63 21.68 -7.16
CA LEU B 119 23.71 22.39 -6.27
C LEU B 119 23.74 21.79 -4.86
N ARG B 120 23.74 20.46 -4.79
CA ARG B 120 23.77 19.76 -3.50
C ARG B 120 25.05 20.09 -2.71
N LYS B 121 26.17 20.10 -3.40
CA LYS B 121 27.46 20.40 -2.81
C LYS B 121 27.45 21.80 -2.20
N GLU B 122 27.01 22.77 -2.98
CA GLU B 122 26.83 24.15 -2.48
C GLU B 122 25.85 24.26 -1.31
N ASN B 123 24.72 23.55 -1.42
CA ASN B 123 23.72 23.59 -0.35
C ASN B 123 24.20 22.99 0.94
N LEU B 124 25.07 22.01 0.87
CA LEU B 124 25.54 21.38 2.10
C LEU B 124 26.53 22.31 2.75
N ASN B 125 27.26 23.09 1.94
CA ASN B 125 28.14 24.13 2.50
C ASN B 125 27.36 25.24 3.19
N THR B 126 26.27 25.69 2.58
CA THR B 126 25.38 26.66 3.21
C THR B 126 24.77 26.07 4.50
N LEU B 127 24.25 24.84 4.44
CA LEU B 127 23.71 24.18 5.64
C LEU B 127 24.72 24.33 6.79
N ARG B 128 25.96 23.94 6.53
CA ARG B 128 27.01 24.00 7.55
C ARG B 128 27.29 25.39 8.09
N SER B 129 27.15 26.40 7.23
CA SER B 129 27.25 27.80 7.59
C SER B 129 26.15 28.29 8.46
N LEU B 130 24.94 27.78 8.25
CA LEU B 130 23.74 28.33 8.90
C LEU B 130 23.40 27.62 10.19
N VAL B 131 23.71 26.33 10.28
CA VAL B 131 23.36 25.48 11.43
C VAL B 131 24.68 24.98 12.01
N GLN B 132 25.14 25.71 13.03
CA GLN B 132 26.49 25.56 13.56
C GLN B 132 26.50 24.99 14.97
N SER B 133 25.33 24.59 15.45
CA SER B 133 25.23 23.85 16.67
C SER B 133 23.92 23.10 16.73
N GLU B 134 23.89 22.11 17.61
CA GLU B 134 22.74 21.27 17.80
C GLU B 134 21.60 22.10 18.39
N ALA B 135 21.95 23.12 19.16
CA ALA B 135 20.93 24.00 19.73
C ALA B 135 20.15 24.70 18.61
N ASP B 136 20.79 25.00 17.48
CA ASP B 136 20.11 25.66 16.37
C ASP B 136 19.01 24.81 15.75
N LEU B 137 19.10 23.48 15.91
CA LEU B 137 18.07 22.58 15.38
C LEU B 137 16.68 22.89 15.97
N GLU B 138 16.63 23.53 17.13
CA GLU B 138 15.36 23.85 17.80
C GLU B 138 14.75 25.21 17.37
N ARG B 139 15.47 25.96 16.56
CA ARG B 139 14.95 27.22 16.12
C ARG B 139 13.76 26.98 15.23
N THR B 140 12.81 27.91 15.34
CA THR B 140 11.48 27.74 14.77
C THR B 140 11.18 28.79 13.71
N GLY B 141 10.34 28.42 12.76
CA GLY B 141 9.79 29.34 11.76
C GLY B 141 8.32 29.04 11.57
N ALA B 142 7.67 29.66 10.57
CA ALA B 142 6.23 29.50 10.38
C ALA B 142 5.91 28.94 8.99
N HIS B 143 5.26 27.79 8.97
CA HIS B 143 4.82 27.21 7.71
C HIS B 143 3.43 27.77 7.47
N PRO B 144 3.13 28.15 6.18
CA PRO B 144 1.81 28.72 5.85
C PRO B 144 0.59 27.86 6.26
N ALA B 145 0.75 26.53 6.28
CA ALA B 145 -0.30 25.59 6.65
C ALA B 145 0.00 24.86 7.94
N PHE B 146 1.24 24.46 8.14
CA PHE B 146 1.54 23.58 9.26
C PHE B 146 1.75 24.30 10.58
N GLY B 147 1.87 25.64 10.56
CA GLY B 147 2.20 26.40 11.76
C GLY B 147 3.68 26.36 12.08
N VAL B 148 3.97 26.33 13.37
CA VAL B 148 5.34 26.41 13.84
C VAL B 148 6.11 25.15 13.46
N VAL B 149 7.27 25.35 12.84
CA VAL B 149 8.13 24.25 12.42
C VAL B 149 9.55 24.53 12.92
N LYS B 150 10.29 23.46 13.20
CA LYS B 150 11.67 23.57 13.66
C LYS B 150 12.67 23.27 12.57
N VAL B 151 13.89 23.76 12.72
CA VAL B 151 14.95 23.47 11.78
C VAL B 151 15.09 21.95 11.64
N ARG B 152 15.16 21.22 12.75
CA ARG B 152 15.31 19.76 12.69
C ARG B 152 14.25 19.08 11.81
N GLU B 153 13.02 19.60 11.82
CA GLU B 153 11.93 19.08 11.01
C GLU B 153 12.07 19.41 9.51
N LEU B 154 12.52 20.60 9.19
CA LEU B 154 12.85 20.90 7.79
C LEU B 154 13.94 19.94 7.27
N LEU B 155 15.01 19.78 8.04
CA LEU B 155 16.17 19.02 7.57
C LEU B 155 15.91 17.52 7.45
N SER B 156 15.07 17.03 8.37
CA SER B 156 14.58 15.69 8.34
C SER B 156 13.74 15.43 7.09
N ALA B 157 12.82 16.34 6.80
CA ALA B 157 11.99 16.28 5.58
C ALA B 157 12.89 16.34 4.34
N TRP B 158 13.95 17.13 4.39
CA TRP B 158 14.93 17.14 3.30
C TRP B 158 15.52 15.73 3.04
N VAL B 159 15.97 15.06 4.11
CA VAL B 159 16.55 13.72 3.99
C VAL B 159 15.50 12.75 3.48
N VAL B 160 14.31 12.80 4.07
CA VAL B 160 13.21 11.92 3.67
C VAL B 160 12.71 12.19 2.23
N HIS B 161 12.83 13.43 1.79
CA HIS B 161 12.40 13.79 0.45
C HIS B 161 13.25 13.13 -0.63
N ASP B 162 14.56 13.14 -0.41
CA ASP B 162 15.51 12.43 -1.24
C ASP B 162 15.12 10.97 -1.34
N LEU B 163 15.01 10.34 -0.18
CA LEU B 163 14.73 8.90 -0.10
C LEU B 163 13.40 8.55 -0.77
N THR B 164 12.35 9.36 -0.52
CA THR B 164 11.02 9.17 -1.11
C THR B 164 11.08 9.14 -2.65
N HIS B 165 11.84 10.07 -3.23
CA HIS B 165 11.94 10.15 -4.68
C HIS B 165 12.86 9.13 -5.31
N ILE B 166 13.90 8.69 -4.59
CA ILE B 166 14.69 7.52 -5.01
C ILE B 166 13.77 6.27 -5.16
N ALA B 167 12.98 6.00 -4.13
CA ALA B 167 12.00 4.91 -4.12
C ALA B 167 11.00 5.09 -5.25
N GLN B 168 10.57 6.33 -5.50
CA GLN B 168 9.68 6.62 -6.63
C GLN B 168 10.35 6.21 -7.92
N ILE B 169 11.60 6.63 -8.11
CA ILE B 169 12.38 6.26 -9.30
C ILE B 169 12.45 4.74 -9.44
N VAL B 170 12.78 4.05 -8.35
CA VAL B 170 13.01 2.61 -8.37
C VAL B 170 11.71 1.83 -8.69
N ARG B 171 10.60 2.23 -8.10
CA ARG B 171 9.32 1.58 -8.37
C ARG B 171 8.82 1.78 -9.77
N SER B 172 9.10 2.94 -10.36
CA SER B 172 8.80 3.23 -11.77
C SER B 172 9.51 2.27 -12.69
N MSE B 173 10.79 2.06 -12.43
CA MSE B 173 11.58 1.11 -13.19
C MSE B 173 11.08 -0.31 -13.01
O MSE B 173 10.95 -1.04 -13.99
CB MSE B 173 13.06 1.27 -12.83
CG MSE B 173 13.64 2.61 -13.30
SE MSE B 173 15.33 3.07 -12.48
CE MSE B 173 16.34 1.78 -13.50
N ALA B 174 10.73 -0.70 -11.80
CA ALA B 174 10.21 -2.06 -11.53
C ALA B 174 8.87 -2.30 -12.24
N LYS B 175 8.04 -1.26 -12.31
CA LYS B 175 6.73 -1.33 -12.98
C LYS B 175 6.77 -1.65 -14.48
N ARG B 176 7.85 -1.25 -15.12
CA ARG B 176 8.12 -1.61 -16.50
C ARG B 176 7.99 -3.11 -16.80
N TYR B 177 8.31 -3.95 -15.80
CA TYR B 177 8.31 -5.42 -15.94
C TYR B 177 7.16 -6.15 -15.24
N ASP B 178 6.11 -5.43 -14.83
CA ASP B 178 4.93 -6.02 -14.16
C ASP B 178 4.39 -7.24 -14.93
N THR B 179 4.22 -7.10 -16.24
CA THR B 179 3.77 -8.23 -17.06
C THR B 179 4.89 -9.25 -17.33
N ASP B 180 6.10 -8.74 -17.56
CA ASP B 180 7.28 -9.54 -17.85
C ASP B 180 7.72 -10.56 -16.80
N VAL B 181 7.52 -10.26 -15.53
CA VAL B 181 7.84 -11.19 -14.45
C VAL B 181 6.90 -12.41 -14.37
N GLY B 182 5.79 -12.38 -15.12
CA GLY B 182 4.83 -13.46 -15.13
C GLY B 182 4.32 -13.82 -13.74
N PRO B 183 4.35 -15.10 -13.37
CA PRO B 183 3.78 -15.54 -12.08
C PRO B 183 4.54 -15.13 -10.84
N TRP B 184 5.75 -14.58 -11.01
CA TRP B 184 6.47 -13.98 -9.87
C TRP B 184 5.91 -12.65 -9.35
N LYS B 185 4.95 -12.07 -10.04
CA LYS B 185 4.43 -10.75 -9.71
C LYS B 185 3.97 -10.64 -8.24
N GLU B 186 3.08 -11.52 -7.79
CA GLU B 186 2.58 -11.45 -6.43
C GLU B 186 3.70 -11.60 -5.40
N TYR B 187 4.53 -12.63 -5.57
CA TYR B 187 5.54 -12.88 -4.58
C TYR B 187 6.55 -11.74 -4.51
N LEU B 188 6.85 -11.13 -5.65
CA LEU B 188 7.71 -9.96 -5.69
C LEU B 188 7.16 -8.82 -4.82
N GLY B 189 5.92 -8.92 -4.39
CA GLY B 189 5.37 -7.99 -3.41
C GLY B 189 5.54 -8.40 -1.97
N ILE B 190 6.14 -9.57 -1.72
CA ILE B 190 6.22 -10.15 -0.37
C ILE B 190 7.66 -10.08 0.11
N LEU B 191 7.88 -9.30 1.14
CA LEU B 191 9.21 -8.97 1.61
C LEU B 191 9.46 -9.72 2.91
N ASN B 192 10.72 -9.75 3.34
CA ASN B 192 11.07 -10.33 4.65
C ASN B 192 10.74 -11.84 4.79
N ASP B 193 10.74 -12.56 3.67
CA ASP B 193 10.46 -14.00 3.61
C ASP B 193 11.55 -14.75 2.77
N HIS C 8 4.08 24.02 -11.18
CA HIS C 8 4.10 24.27 -9.69
C HIS C 8 4.90 23.28 -8.76
N HIS C 9 5.85 23.83 -7.97
CA HIS C 9 6.68 23.03 -7.03
C HIS C 9 5.90 22.70 -5.75
N HIS C 10 5.85 21.41 -5.42
CA HIS C 10 4.98 20.91 -4.34
C HIS C 10 3.71 21.73 -4.17
N HIS C 11 2.97 21.81 -5.29
CA HIS C 11 1.75 22.57 -5.49
C HIS C 11 0.78 22.56 -4.31
N HIS C 12 0.36 21.36 -3.90
CA HIS C 12 -0.68 21.23 -2.89
C HIS C 12 -0.16 20.81 -1.52
N GLU C 13 1.07 21.21 -1.18
CA GLU C 13 1.68 20.88 0.12
C GLU C 13 0.81 21.34 1.26
N ASN C 14 0.26 22.54 1.12
CA ASN C 14 -0.55 23.16 2.17
C ASN C 14 -1.88 22.48 2.42
N LEU C 15 -2.33 21.65 1.48
CA LEU C 15 -3.61 20.95 1.66
C LEU C 15 -3.48 19.74 2.58
N TYR C 16 -2.28 19.38 3.04
CA TYR C 16 -2.09 18.10 3.76
C TYR C 16 -1.69 18.31 5.21
N PHE C 17 -2.62 18.84 5.98
CA PHE C 17 -2.44 19.04 7.40
C PHE C 17 -3.80 18.90 8.09
N GLN C 18 -4.16 17.69 8.42
CA GLN C 18 -5.51 17.39 8.93
C GLN C 18 -5.74 17.71 10.42
N GLY C 19 -6.80 18.47 10.68
CA GLY C 19 -7.24 18.70 12.05
C GLY C 19 -7.97 17.48 12.58
N MSE C 20 -8.76 17.75 13.60
CA MSE C 20 -9.50 16.76 14.38
C MSE C 20 -10.92 16.81 14.02
O MSE C 20 -11.51 17.88 13.96
CB MSE C 20 -9.44 17.18 15.82
CG MSE C 20 -8.06 17.62 16.16
SE MSE C 20 -7.34 16.31 17.29
CE MSE C 20 -7.98 17.39 18.83
N ASN C 21 -11.50 15.63 13.79
CA ASN C 21 -12.87 15.50 13.36
C ASN C 21 -13.80 14.75 14.31
N PHE C 22 -13.26 14.26 15.44
CA PHE C 22 -14.05 13.44 16.37
C PHE C 22 -15.19 14.26 16.91
N GLN C 23 -16.39 13.68 16.85
CA GLN C 23 -17.55 14.11 17.58
C GLN C 23 -18.17 12.86 18.15
N MSE C 24 -18.60 12.93 19.40
CA MSE C 24 -19.02 11.73 20.10
C MSE C 24 -20.24 11.11 19.44
O MSE C 24 -20.24 9.93 19.17
CB MSE C 24 -19.27 12.06 21.55
CG MSE C 24 -20.16 11.14 22.29
SE MSE C 24 -19.22 10.51 23.84
CE MSE C 24 -18.31 9.36 22.74
N ASN C 25 -21.27 11.92 19.18
CA ASN C 25 -22.50 11.41 18.57
C ASN C 25 -22.24 10.76 17.23
N GLU C 26 -21.36 11.35 16.42
CA GLU C 26 -20.98 10.77 15.13
C GLU C 26 -20.21 9.47 15.28
N ALA C 27 -19.33 9.41 16.28
CA ALA C 27 -18.55 8.18 16.57
C ALA C 27 -19.44 7.00 17.02
N ILE C 28 -20.37 7.29 17.91
CA ILE C 28 -21.38 6.31 18.34
C ILE C 28 -22.25 5.80 17.18
N GLN C 29 -22.67 6.69 16.28
CA GLN C 29 -23.40 6.32 15.04
C GLN C 29 -22.72 5.18 14.31
N LEU C 30 -21.41 5.29 14.13
CA LEU C 30 -20.65 4.25 13.47
C LEU C 30 -20.53 2.99 14.30
N LEU C 31 -20.12 3.14 15.55
CA LEU C 31 -19.89 2.03 16.43
C LEU C 31 -21.16 1.20 16.60
N GLU C 32 -22.33 1.85 16.65
CA GLU C 32 -23.61 1.11 16.78
C GLU C 32 -24.01 0.28 15.53
N ARG C 33 -23.44 0.60 14.38
CA ARG C 33 -23.76 -0.01 13.07
C ARG C 33 -22.88 -1.20 12.66
N THR C 34 -21.63 -1.25 13.13
CA THR C 34 -20.67 -2.28 12.70
C THR C 34 -21.21 -3.72 12.81
N PRO C 35 -21.77 -4.12 13.97
CA PRO C 35 -22.30 -5.47 14.08
C PRO C 35 -23.38 -5.86 13.10
N LYS C 36 -24.38 -5.01 12.96
CA LYS C 36 -25.43 -5.23 11.98
C LYS C 36 -24.93 -5.17 10.53
N THR C 37 -23.98 -4.30 10.23
CA THR C 37 -23.43 -4.19 8.88
C THR C 37 -22.71 -5.50 8.50
N LEU C 38 -21.94 -6.06 9.43
CA LEU C 38 -21.18 -7.28 9.14
C LEU C 38 -22.12 -8.46 9.02
N GLU C 39 -23.21 -8.41 9.77
CA GLU C 39 -24.21 -9.45 9.69
C GLU C 39 -24.97 -9.49 8.38
N VAL C 40 -25.46 -8.33 7.94
N VAL C 40 -25.44 -8.34 7.90
CA VAL C 40 -26.15 -8.19 6.66
CA VAL C 40 -26.17 -8.30 6.64
C VAL C 40 -25.23 -8.63 5.53
C VAL C 40 -25.25 -8.53 5.45
N PHE C 41 -23.95 -8.26 5.63
CA PHE C 41 -22.95 -8.50 4.58
C PHE C 41 -22.52 -9.97 4.49
N LEU C 42 -22.35 -10.60 5.64
CA LEU C 42 -21.69 -11.90 5.71
C LEU C 42 -22.63 -13.07 6.03
N GLU C 43 -23.77 -12.80 6.67
CA GLU C 43 -24.70 -13.86 7.03
C GLU C 43 -25.28 -14.46 5.79
N GLY C 44 -25.19 -15.79 5.71
CA GLY C 44 -25.76 -16.51 4.58
C GLY C 44 -24.83 -16.68 3.41
N LEU C 45 -23.65 -16.02 3.44
CA LEU C 45 -22.64 -16.27 2.45
C LEU C 45 -22.17 -17.71 2.63
N SER C 46 -21.71 -18.29 1.52
N SER C 46 -21.71 -18.30 1.54
CA SER C 46 -20.97 -19.54 1.54
CA SER C 46 -21.05 -19.59 1.61
C SER C 46 -19.81 -19.46 2.54
C SER C 46 -19.82 -19.48 2.50
N ASP C 47 -19.47 -20.59 3.16
CA ASP C 47 -18.32 -20.67 4.08
C ASP C 47 -17.02 -20.27 3.40
N SER C 48 -16.93 -20.51 2.07
CA SER C 48 -15.83 -20.06 1.20
C SER C 48 -15.46 -18.60 1.39
N TRP C 49 -16.50 -17.78 1.43
CA TRP C 49 -16.37 -16.35 1.72
C TRP C 49 -15.82 -16.10 3.13
N HIS C 50 -16.32 -16.86 4.09
CA HIS C 50 -15.89 -16.71 5.50
C HIS C 50 -14.49 -17.20 5.78
N GLN C 51 -13.96 -18.08 4.94
CA GLN C 51 -12.59 -18.58 5.06
C GLN C 51 -11.56 -17.85 4.17
N CYS C 52 -12.01 -16.85 3.41
CA CYS C 52 -11.14 -15.94 2.64
C CYS C 52 -10.13 -15.26 3.55
N ASN C 53 -8.89 -15.09 3.06
CA ASN C 53 -7.90 -14.22 3.67
C ASN C 53 -7.09 -13.45 2.62
N GLU C 54 -6.09 -12.70 3.06
CA GLU C 54 -5.22 -11.96 2.13
C GLU C 54 -3.89 -12.68 1.88
N GLY C 55 -3.86 -14.00 1.99
CA GLY C 55 -2.63 -14.76 1.78
C GLY C 55 -2.08 -15.38 3.04
N TYR C 56 -0.99 -16.13 2.87
CA TYR C 56 -0.30 -16.82 3.95
C TYR C 56 -0.13 -15.95 5.20
N GLU C 57 -0.50 -16.54 6.32
CA GLU C 57 -0.41 -15.95 7.65
C GLU C 57 -1.26 -14.69 7.89
N THR C 58 -2.32 -14.54 7.11
CA THR C 58 -3.29 -13.49 7.39
C THR C 58 -4.62 -14.12 7.86
N TRP C 59 -5.40 -13.37 8.63
CA TRP C 59 -6.63 -13.91 9.19
C TRP C 59 -7.74 -14.09 8.17
N THR C 60 -8.55 -15.12 8.39
CA THR C 60 -9.76 -15.30 7.63
C THR C 60 -10.81 -14.29 8.08
N VAL C 61 -11.82 -14.10 7.23
CA VAL C 61 -12.94 -13.23 7.56
C VAL C 61 -13.52 -13.64 8.92
N TYR C 62 -13.76 -14.93 9.10
CA TYR C 62 -14.29 -15.48 10.35
C TYR C 62 -13.41 -15.09 11.58
N GLU C 63 -12.10 -15.20 11.41
CA GLU C 63 -11.16 -14.86 12.45
C GLU C 63 -11.15 -13.38 12.75
N VAL C 64 -11.48 -12.56 11.76
CA VAL C 64 -11.55 -11.12 11.97
C VAL C 64 -12.78 -10.83 12.85
N VAL C 65 -13.89 -11.48 12.56
CA VAL C 65 -15.08 -11.32 13.40
C VAL C 65 -14.77 -11.72 14.82
N VAL C 66 -14.13 -12.88 15.02
CA VAL C 66 -13.73 -13.37 16.36
C VAL C 66 -12.82 -12.35 17.08
N HIS C 67 -11.87 -11.76 16.37
CA HIS C 67 -11.04 -10.69 16.93
C HIS C 67 -11.85 -9.45 17.40
N LEU C 68 -12.84 -9.06 16.60
CA LEU C 68 -13.66 -7.91 16.93
C LEU C 68 -14.43 -8.17 18.24
N ILE C 69 -14.96 -9.40 18.37
CA ILE C 69 -15.59 -9.87 19.63
C ILE C 69 -14.59 -9.77 20.78
N GLU C 70 -13.36 -10.22 20.58
CA GLU C 70 -12.37 -10.17 21.63
C GLU C 70 -12.02 -8.74 22.05
N ALA C 71 -12.02 -7.78 21.10
CA ALA C 71 -11.73 -6.36 21.41
C ALA C 71 -12.87 -5.77 22.26
N GLU C 72 -14.09 -6.30 22.13
CA GLU C 72 -15.20 -5.86 22.97
C GLU C 72 -15.03 -6.35 24.42
N LYS C 73 -14.30 -7.46 24.59
CA LYS C 73 -14.05 -8.04 25.90
C LYS C 73 -12.80 -7.48 26.58
N THR C 74 -11.75 -7.28 25.81
CA THR C 74 -10.43 -7.10 26.37
C THR C 74 -9.82 -5.68 26.23
N ASN C 75 -10.35 -4.89 25.31
CA ASN C 75 -9.66 -3.70 24.80
C ASN C 75 -10.31 -2.37 25.18
N TRP C 76 -11.33 -1.94 24.45
CA TRP C 76 -11.76 -0.53 24.47
C TRP C 76 -12.33 -0.12 25.82
N ILE C 77 -13.34 -0.84 26.32
CA ILE C 77 -13.98 -0.44 27.56
C ILE C 77 -13.08 -0.70 28.77
N PRO C 78 -12.39 -1.86 28.82
CA PRO C 78 -11.45 -2.02 29.93
C PRO C 78 -10.38 -0.91 30.03
N ARG C 79 -9.83 -0.49 28.90
CA ARG C 79 -8.90 0.66 28.89
C ARG C 79 -9.55 2.02 29.27
N LEU C 80 -10.74 2.29 28.76
CA LEU C 80 -11.51 3.48 29.16
C LEU C 80 -11.75 3.59 30.65
N ARG C 81 -12.15 2.50 31.29
CA ARG C 81 -12.30 2.49 32.76
C ARG C 81 -10.99 2.80 33.49
N PHE C 82 -9.91 2.14 33.08
CA PHE C 82 -8.59 2.36 33.65
C PHE C 82 -8.17 3.82 33.52
N ILE C 83 -8.30 4.40 32.32
CA ILE C 83 -7.98 5.81 32.08
C ILE C 83 -8.76 6.72 33.05
N LEU C 84 -10.07 6.51 33.13
CA LEU C 84 -10.92 7.36 33.99
C LEU C 84 -10.65 7.15 35.47
N GLN C 85 -10.41 5.91 35.89
CA GLN C 85 -10.12 5.59 37.29
C GLN C 85 -8.68 5.89 37.72
N GLU C 86 -7.69 5.69 36.85
CA GLU C 86 -6.26 5.86 37.21
C GLU C 86 -5.56 7.13 36.71
N GLY C 87 -6.11 7.80 35.72
CA GLY C 87 -5.45 8.96 35.13
C GLY C 87 -4.07 8.64 34.60
N GLU C 88 -3.21 9.66 34.53
CA GLU C 88 -1.85 9.49 34.01
C GLU C 88 -0.87 8.84 35.02
N HIS C 89 -1.29 8.63 36.26
CA HIS C 89 -0.41 8.13 37.31
C HIS C 89 0.14 6.75 36.99
N LYS C 90 -0.66 5.94 36.33
CA LYS C 90 -0.32 4.55 36.10
C LYS C 90 -0.62 4.23 34.64
N PRO C 91 0.32 3.58 33.93
CA PRO C 91 -0.02 3.15 32.57
C PRO C 91 -1.04 2.03 32.58
N PHE C 92 -1.97 2.05 31.63
CA PHE C 92 -2.81 0.88 31.48
C PHE C 92 -1.97 -0.28 30.94
N PRO C 93 -2.41 -1.54 31.20
CA PRO C 93 -1.55 -2.64 30.85
C PRO C 93 -1.43 -2.84 29.34
N ALA C 94 -0.28 -3.35 28.94
CA ALA C 94 -0.04 -3.79 27.58
C ALA C 94 -0.70 -5.16 27.40
N PHE C 95 -1.00 -5.52 26.17
CA PHE C 95 -1.69 -6.79 25.92
C PHE C 95 -0.76 -8.01 25.82
N ASP C 96 0.56 -7.81 25.84
CA ASP C 96 1.49 -8.92 25.64
C ASP C 96 1.69 -9.84 26.87
N ARG C 97 1.11 -9.48 28.02
CA ARG C 97 1.25 -10.28 29.23
C ARG C 97 0.13 -11.30 29.44
N PHE C 98 -1.06 -10.97 28.95
CA PHE C 98 -2.29 -11.69 29.27
C PHE C 98 -2.73 -12.49 28.06
N SER C 99 -2.86 -13.78 28.20
CA SER C 99 -3.04 -14.62 27.05
C SER C 99 -4.49 -15.06 26.98
N HIS C 100 -4.92 -15.41 25.78
CA HIS C 100 -6.27 -15.80 25.52
C HIS C 100 -6.19 -17.14 24.83
N LEU C 101 -7.13 -18.03 25.13
CA LEU C 101 -7.17 -19.34 24.50
C LEU C 101 -7.64 -19.13 23.11
N ASN C 102 -7.01 -19.82 22.17
CA ASN C 102 -7.48 -19.83 20.80
C ASN C 102 -8.89 -20.41 20.76
N GLN C 103 -9.67 -20.00 19.77
CA GLN C 103 -11.07 -20.39 19.77
C GLN C 103 -11.39 -21.19 18.54
N SER C 104 -12.35 -22.09 18.70
CA SER C 104 -12.75 -22.98 17.64
C SER C 104 -13.32 -22.16 16.48
N ASN C 105 -12.84 -22.45 15.28
CA ASN C 105 -13.46 -22.04 14.04
C ASN C 105 -14.80 -22.75 13.76
N ALA C 106 -15.17 -23.77 14.55
CA ALA C 106 -16.39 -24.54 14.31
C ALA C 106 -17.68 -23.89 14.86
N VAL C 107 -17.59 -22.90 15.74
CA VAL C 107 -18.78 -22.23 16.21
C VAL C 107 -19.40 -21.52 14.98
N PRO C 108 -20.69 -21.78 14.67
CA PRO C 108 -21.30 -21.13 13.54
C PRO C 108 -21.20 -19.62 13.61
N ILE C 109 -20.83 -19.02 12.48
CA ILE C 109 -20.62 -17.59 12.40
C ILE C 109 -21.84 -16.79 12.89
N SER C 110 -23.03 -17.31 12.66
CA SER C 110 -24.27 -16.67 13.11
C SER C 110 -24.24 -16.36 14.62
N GLU C 111 -23.59 -17.24 15.37
CA GLU C 111 -23.46 -17.09 16.80
C GLU C 111 -22.46 -16.03 17.13
N ARG C 112 -21.39 -15.92 16.33
CA ARG C 112 -20.42 -14.84 16.50
C ARG C 112 -21.09 -13.48 16.29
N PHE C 113 -21.91 -13.35 15.25
CA PHE C 113 -22.61 -12.07 14.99
C PHE C 113 -23.50 -11.67 16.13
N LYS C 114 -24.18 -12.65 16.69
CA LYS C 114 -25.07 -12.42 17.81
C LYS C 114 -24.32 -11.96 19.07
N GLU C 115 -23.22 -12.65 19.40
CA GLU C 115 -22.34 -12.23 20.48
C GLU C 115 -21.76 -10.83 20.27
N PHE C 116 -21.20 -10.56 19.08
CA PHE C 116 -20.68 -9.22 18.78
C PHE C 116 -21.74 -8.11 18.96
N GLN C 117 -22.94 -8.36 18.46
CA GLN C 117 -24.02 -7.39 18.58
C GLN C 117 -24.36 -7.18 20.07
N GLN C 118 -24.48 -8.26 20.83
CA GLN C 118 -24.78 -8.12 22.26
C GLN C 118 -23.72 -7.29 23.02
N LEU C 119 -22.45 -7.61 22.80
CA LEU C 119 -21.37 -6.94 23.50
C LEU C 119 -21.25 -5.48 23.11
N ARG C 120 -21.44 -5.18 21.83
CA ARG C 120 -21.32 -3.82 21.37
C ARG C 120 -22.44 -2.95 21.96
N LYS C 121 -23.63 -3.51 22.05
CA LYS C 121 -24.79 -2.84 22.65
C LYS C 121 -24.53 -2.57 24.14
N GLU C 122 -24.06 -3.57 24.87
CA GLU C 122 -23.58 -3.36 26.24
C GLU C 122 -22.50 -2.27 26.37
N ASN C 123 -21.47 -2.35 25.53
CA ASN C 123 -20.31 -1.44 25.63
C ASN C 123 -20.65 0.04 25.35
N LEU C 124 -21.61 0.26 24.45
CA LEU C 124 -22.05 1.62 24.15
C LEU C 124 -22.91 2.18 25.28
N ASN C 125 -23.59 1.30 26.01
CA ASN C 125 -24.30 1.73 27.20
C ASN C 125 -23.34 2.09 28.30
N THR C 126 -22.31 1.27 28.51
CA THR C 126 -21.25 1.59 29.46
C THR C 126 -20.54 2.88 29.07
N LEU C 127 -20.27 3.05 27.77
CA LEU C 127 -19.64 4.29 27.27
C LEU C 127 -20.42 5.55 27.66
N ARG C 128 -21.75 5.47 27.56
N ARG C 128 -21.75 5.46 27.55
CA ARG C 128 -22.61 6.61 27.83
CA ARG C 128 -22.63 6.59 27.85
C ARG C 128 -22.63 6.93 29.34
C ARG C 128 -22.60 6.93 29.34
N SER C 129 -22.45 5.91 30.18
CA SER C 129 -22.26 6.13 31.64
C SER C 129 -20.85 6.62 32.00
N LEU C 130 -19.82 6.21 31.29
CA LEU C 130 -18.45 6.61 31.66
C LEU C 130 -18.05 7.98 31.07
N VAL C 131 -18.47 8.26 29.84
CA VAL C 131 -18.14 9.52 29.15
C VAL C 131 -19.39 10.35 28.93
N GLN C 132 -19.65 11.32 29.81
CA GLN C 132 -20.95 12.01 29.84
C GLN C 132 -20.94 13.43 29.26
N SER C 133 -19.74 13.95 29.00
CA SER C 133 -19.58 15.34 28.60
C SER C 133 -18.35 15.44 27.70
N GLU C 134 -18.24 16.58 27.02
CA GLU C 134 -17.07 16.94 26.22
C GLU C 134 -15.83 17.14 27.09
N ALA C 135 -15.99 17.54 28.34
CA ALA C 135 -14.84 17.58 29.24
C ALA C 135 -14.25 16.18 29.51
N ASP C 136 -15.10 15.14 29.52
CA ASP C 136 -14.66 13.77 29.79
C ASP C 136 -13.78 13.26 28.64
N LEU C 137 -13.97 13.82 27.46
CA LEU C 137 -13.19 13.42 26.30
C LEU C 137 -11.73 13.86 26.41
N GLU C 138 -11.49 14.89 27.22
CA GLU C 138 -10.16 15.50 27.32
C GLU C 138 -9.38 14.92 28.47
N ARG C 139 -9.98 14.01 29.21
CA ARG C 139 -9.29 13.35 30.28
C ARG C 139 -8.23 12.43 29.74
N THR C 140 -7.14 12.31 30.50
CA THR C 140 -5.96 11.64 30.02
C THR C 140 -5.58 10.44 30.85
N GLY C 141 -4.92 9.49 30.17
CA GLY C 141 -4.28 8.33 30.76
C GLY C 141 -2.90 8.12 30.17
N ALA C 142 -2.31 6.97 30.47
CA ALA C 142 -0.94 6.70 30.13
C ALA C 142 -0.89 5.34 29.42
N HIS C 143 -0.65 5.39 28.12
CA HIS C 143 -0.40 4.21 27.33
C HIS C 143 1.01 3.75 27.68
N PRO C 144 1.21 2.44 27.86
CA PRO C 144 2.49 1.94 28.37
C PRO C 144 3.72 2.11 27.47
N ALA C 145 3.51 2.23 26.17
CA ALA C 145 4.56 2.57 25.23
C ALA C 145 4.39 4.00 24.64
N PHE C 146 3.16 4.46 24.38
CA PHE C 146 2.96 5.72 23.64
C PHE C 146 2.92 6.98 24.50
N GLY C 147 2.79 6.82 25.81
CA GLY C 147 2.62 7.96 26.72
C GLY C 147 1.20 8.45 26.92
N VAL C 148 1.08 9.76 27.13
CA VAL C 148 -0.21 10.35 27.48
C VAL C 148 -1.15 10.21 26.31
N VAL C 149 -2.34 9.65 26.58
CA VAL C 149 -3.39 9.54 25.59
C VAL C 149 -4.66 10.12 26.18
N LYS C 150 -5.51 10.66 25.32
CA LYS C 150 -6.81 11.20 25.71
C LYS C 150 -7.93 10.22 25.48
N VAL C 151 -9.01 10.37 26.25
CA VAL C 151 -10.21 9.55 26.05
C VAL C 151 -10.68 9.58 24.60
N ARG C 152 -10.70 10.77 24.01
CA ARG C 152 -11.19 10.93 22.63
C ARG C 152 -10.33 10.17 21.62
N GLU C 153 -9.03 10.10 21.89
CA GLU C 153 -8.11 9.33 21.07
C GLU C 153 -8.35 7.82 21.14
N LEU C 154 -8.65 7.31 22.34
CA LEU C 154 -9.02 5.89 22.48
C LEU C 154 -10.31 5.59 21.74
N LEU C 155 -11.25 6.53 21.78
CA LEU C 155 -12.55 6.35 21.19
C LEU C 155 -12.47 6.44 19.69
N SER C 156 -11.70 7.41 19.22
CA SER C 156 -11.39 7.57 17.81
C SER C 156 -10.75 6.29 17.29
N ALA C 157 -9.78 5.77 18.03
CA ALA C 157 -9.08 4.53 17.61
C ALA C 157 -10.04 3.32 17.53
N TRP C 158 -11.04 3.28 18.41
CA TRP C 158 -12.08 2.23 18.44
C TRP C 158 -12.87 2.26 17.13
N VAL C 159 -13.26 3.45 16.69
CA VAL C 159 -14.02 3.63 15.45
C VAL C 159 -13.18 3.16 14.27
N VAL C 160 -11.93 3.63 14.23
CA VAL C 160 -11.04 3.29 13.15
C VAL C 160 -10.71 1.80 13.14
N HIS C 161 -10.64 1.20 14.32
CA HIS C 161 -10.37 -0.22 14.46
C HIS C 161 -11.43 -1.04 13.75
N ASP C 162 -12.70 -0.69 13.95
CA ASP C 162 -13.85 -1.35 13.29
C ASP C 162 -13.70 -1.28 11.80
N LEU C 163 -13.43 -0.05 11.34
CA LEU C 163 -13.37 0.27 9.92
C LEU C 163 -12.23 -0.46 9.26
N THR C 164 -11.11 -0.51 9.97
CA THR C 164 -9.90 -1.14 9.47
C THR C 164 -10.12 -2.62 9.24
N HIS C 165 -10.84 -3.26 10.16
CA HIS C 165 -11.15 -4.67 10.05
C HIS C 165 -12.28 -4.97 9.05
N ILE C 166 -13.24 -4.06 8.91
CA ILE C 166 -14.21 -4.14 7.81
C ILE C 166 -13.43 -4.17 6.49
N ALA C 167 -12.50 -3.22 6.30
CA ALA C 167 -11.71 -3.19 5.06
C ALA C 167 -10.89 -4.47 4.83
N GLN C 168 -10.29 -4.98 5.89
CA GLN C 168 -9.57 -6.25 5.87
C GLN C 168 -10.46 -7.39 5.34
N ILE C 169 -11.66 -7.44 5.84
CA ILE C 169 -12.62 -8.45 5.41
C ILE C 169 -12.95 -8.29 3.94
N VAL C 170 -13.30 -7.07 3.52
CA VAL C 170 -13.65 -6.79 2.14
C VAL C 170 -12.51 -7.13 1.17
N ARG C 171 -11.28 -6.75 1.50
CA ARG C 171 -10.10 -7.06 0.67
C ARG C 171 -9.76 -8.55 0.61
N SER C 172 -9.93 -9.25 1.74
CA SER C 172 -9.79 -10.70 1.79
C SER C 172 -10.73 -11.34 0.77
N MSE C 173 -11.98 -10.90 0.78
CA MSE C 173 -12.94 -11.42 -0.18
C MSE C 173 -12.58 -11.08 -1.62
O MSE C 173 -12.74 -11.92 -2.55
CB MSE C 173 -14.33 -10.93 0.17
CG MSE C 173 -14.82 -11.54 1.49
SE MSE C 173 -16.37 -10.70 2.25
CE MSE C 173 -17.72 -11.27 0.98
N ALA C 174 -12.10 -9.84 -1.85
CA ALA C 174 -11.73 -9.41 -3.19
C ALA C 174 -10.53 -10.24 -3.77
N LYS C 175 -9.61 -10.66 -2.89
CA LYS C 175 -8.44 -11.43 -3.29
C LYS C 175 -8.76 -12.82 -3.84
N ARG C 176 -9.89 -13.36 -3.42
CA ARG C 176 -10.32 -14.66 -3.87
C ARG C 176 -10.43 -14.70 -5.41
N TYR C 177 -10.71 -13.55 -6.03
CA TYR C 177 -10.89 -13.46 -7.49
C TYR C 177 -9.75 -12.78 -8.24
N ASP C 178 -8.60 -12.62 -7.61
CA ASP C 178 -7.40 -12.10 -8.25
C ASP C 178 -7.10 -12.72 -9.64
N THR C 179 -7.15 -14.04 -9.77
CA THR C 179 -6.97 -14.69 -11.06
C THR C 179 -8.24 -14.58 -11.90
N ASP C 180 -9.38 -14.68 -11.25
CA ASP C 180 -10.64 -14.69 -12.00
C ASP C 180 -10.95 -13.44 -12.83
N VAL C 181 -10.54 -12.28 -12.31
CA VAL C 181 -10.77 -10.99 -13.00
C VAL C 181 -10.01 -10.82 -14.32
N GLY C 182 -8.96 -11.63 -14.53
CA GLY C 182 -8.25 -11.63 -15.79
C GLY C 182 -7.61 -10.29 -16.04
N PRO C 183 -7.76 -9.72 -17.26
CA PRO C 183 -7.10 -8.44 -17.60
C PRO C 183 -7.60 -7.20 -16.87
N TRP C 184 -8.68 -7.31 -16.12
CA TRP C 184 -9.18 -6.21 -15.28
C TRP C 184 -8.42 -5.98 -13.97
N LYS C 185 -7.53 -6.89 -13.63
CA LYS C 185 -6.76 -6.83 -12.39
C LYS C 185 -6.10 -5.47 -12.11
N GLU C 186 -5.34 -4.98 -13.09
CA GLU C 186 -4.65 -3.71 -12.92
C GLU C 186 -5.60 -2.53 -12.77
N TYR C 187 -6.54 -2.38 -13.68
CA TYR C 187 -7.51 -1.29 -13.54
C TYR C 187 -8.31 -1.34 -12.22
N LEU C 188 -8.59 -2.53 -11.70
CA LEU C 188 -9.39 -2.62 -10.47
C LEU C 188 -8.61 -2.01 -9.30
N GLY C 189 -7.32 -1.83 -9.49
CA GLY C 189 -6.48 -1.09 -8.56
C GLY C 189 -6.49 0.43 -8.68
N ILE C 190 -7.18 0.96 -9.69
CA ILE C 190 -7.21 2.39 -10.03
C ILE C 190 -8.57 3.02 -9.67
N LEU C 191 -8.52 3.85 -8.64
CA LEU C 191 -9.68 4.49 -8.10
C LEU C 191 -9.84 5.91 -8.64
N ASN C 192 -11.02 6.49 -8.37
CA ASN C 192 -11.27 7.92 -8.66
C ASN C 192 -11.13 8.27 -10.14
N ASP C 193 -11.54 7.34 -11.00
CA ASP C 193 -11.42 7.48 -12.46
C ASP C 193 -12.67 6.86 -13.09
N LYS D 5 21.32 -20.67 14.31
CA LYS D 5 20.10 -21.09 13.58
C LYS D 5 20.23 -20.91 12.05
N ILE D 6 19.19 -21.32 11.32
CA ILE D 6 19.19 -21.36 9.86
C ILE D 6 17.96 -20.64 9.29
N HIS D 7 17.97 -20.45 7.97
CA HIS D 7 16.83 -19.93 7.21
C HIS D 7 16.74 -20.57 5.82
N HIS D 8 15.64 -20.31 5.13
CA HIS D 8 15.46 -20.68 3.74
C HIS D 8 15.30 -19.41 2.91
N HIS D 9 15.90 -19.42 1.72
CA HIS D 9 15.72 -18.39 0.72
C HIS D 9 14.28 -18.37 0.20
N HIS D 10 13.69 -17.19 0.08
CA HIS D 10 12.34 -17.06 -0.48
C HIS D 10 11.42 -18.24 -0.12
N HIS D 11 11.32 -18.41 1.19
CA HIS D 11 10.81 -19.59 1.88
C HIS D 11 9.42 -20.01 1.40
N HIS D 12 8.53 -19.03 1.30
CA HIS D 12 7.13 -19.31 0.99
C HIS D 12 6.71 -18.82 -0.39
N GLU D 13 7.67 -18.69 -1.28
CA GLU D 13 7.39 -18.35 -2.67
C GLU D 13 6.22 -19.10 -3.28
N ASN D 14 6.20 -20.41 -3.08
CA ASN D 14 5.21 -21.29 -3.74
C ASN D 14 3.77 -21.00 -3.38
N LEU D 15 3.56 -20.39 -2.22
CA LEU D 15 2.23 -20.11 -1.69
C LEU D 15 1.55 -18.96 -2.40
N TYR D 16 2.27 -18.22 -3.24
CA TYR D 16 1.73 -17.00 -3.79
C TYR D 16 1.36 -17.19 -5.24
N PHE D 17 0.29 -17.95 -5.40
CA PHE D 17 -0.21 -18.39 -6.68
C PHE D 17 -1.62 -18.90 -6.43
N GLN D 18 -2.57 -18.51 -7.27
CA GLN D 18 -3.98 -18.88 -7.14
C GLN D 18 -4.54 -19.27 -8.46
N GLY D 19 -5.39 -20.28 -8.46
CA GLY D 19 -6.25 -20.50 -9.60
C GLY D 19 -7.52 -19.67 -9.54
N MSE D 20 -8.53 -20.19 -10.22
CA MSE D 20 -9.81 -19.51 -10.40
C MSE D 20 -10.77 -20.01 -9.34
O MSE D 20 -10.94 -21.21 -9.22
CB MSE D 20 -10.29 -19.80 -11.82
CG MSE D 20 -9.53 -18.95 -12.90
SE MSE D 20 -10.27 -19.42 -14.61
CE MSE D 20 -9.45 -21.17 -14.99
N ASN D 21 -11.35 -19.10 -8.55
CA ASN D 21 -12.29 -19.44 -7.49
C ASN D 21 -13.74 -19.06 -7.77
N PHE D 22 -14.01 -18.43 -8.92
CA PHE D 22 -15.39 -18.02 -9.27
C PHE D 22 -16.37 -19.18 -9.24
N GLN D 23 -17.46 -19.00 -8.51
CA GLN D 23 -18.63 -19.84 -8.65
C GLN D 23 -19.83 -18.93 -8.76
N MSE D 24 -20.68 -19.19 -9.72
CA MSE D 24 -21.82 -18.34 -9.98
C MSE D 24 -22.71 -18.07 -8.75
O MSE D 24 -23.13 -16.93 -8.52
CB MSE D 24 -22.67 -18.97 -11.09
CG MSE D 24 -23.91 -18.18 -11.42
SE MSE D 24 -23.49 -16.73 -12.56
CE MSE D 24 -25.16 -16.90 -13.46
N ASN D 25 -23.02 -19.12 -7.99
CA ASN D 25 -23.90 -18.97 -6.82
C ASN D 25 -23.25 -18.08 -5.77
N GLU D 26 -21.94 -18.24 -5.62
CA GLU D 26 -21.19 -17.47 -4.63
C GLU D 26 -21.05 -16.02 -5.04
N ALA D 27 -20.87 -15.77 -6.33
CA ALA D 27 -20.83 -14.38 -6.84
C ALA D 27 -22.16 -13.66 -6.64
N ILE D 28 -23.28 -14.34 -6.97
CA ILE D 28 -24.62 -13.74 -6.79
C ILE D 28 -24.84 -13.40 -5.29
N GLN D 29 -24.43 -14.32 -4.42
CA GLN D 29 -24.51 -14.11 -2.96
C GLN D 29 -24.02 -12.76 -2.56
N LEU D 30 -22.83 -12.38 -3.05
CA LEU D 30 -22.25 -11.08 -2.75
C LEU D 30 -22.98 -9.94 -3.41
N LEU D 31 -23.24 -10.07 -4.71
CA LEU D 31 -23.85 -8.98 -5.48
C LEU D 31 -25.24 -8.64 -4.95
N GLU D 32 -25.97 -9.65 -4.46
CA GLU D 32 -27.32 -9.41 -3.98
C GLU D 32 -27.32 -8.71 -2.62
N ARG D 33 -26.18 -8.71 -1.94
CA ARG D 33 -26.04 -8.15 -0.59
C ARG D 33 -25.49 -6.71 -0.53
N THR D 34 -24.79 -6.25 -1.58
CA THR D 34 -24.12 -4.95 -1.53
C THR D 34 -25.08 -3.76 -1.30
N PRO D 35 -26.21 -3.73 -2.00
CA PRO D 35 -27.09 -2.58 -1.75
C PRO D 35 -27.55 -2.45 -0.28
N LYS D 36 -27.96 -3.57 0.31
CA LYS D 36 -28.47 -3.58 1.67
C LYS D 36 -27.35 -3.32 2.71
N THR D 37 -26.15 -3.75 2.40
CA THR D 37 -24.98 -3.58 3.25
C THR D 37 -24.64 -2.08 3.29
N LEU D 38 -24.61 -1.41 2.14
CA LEU D 38 -24.24 0.00 2.10
C LEU D 38 -25.31 0.87 2.79
N GLU D 39 -26.56 0.45 2.65
CA GLU D 39 -27.68 1.10 3.27
C GLU D 39 -27.67 0.97 4.79
N VAL D 40 -27.51 -0.26 5.32
CA VAL D 40 -27.42 -0.48 6.78
C VAL D 40 -26.21 0.29 7.35
N PHE D 41 -25.10 0.25 6.62
CA PHE D 41 -23.88 0.89 7.03
C PHE D 41 -23.97 2.42 7.00
N LEU D 42 -24.58 2.97 5.97
CA LEU D 42 -24.46 4.40 5.72
C LEU D 42 -25.73 5.22 5.95
N GLU D 43 -26.90 4.60 5.98
CA GLU D 43 -28.14 5.38 6.10
C GLU D 43 -28.23 6.02 7.46
N GLY D 44 -28.67 7.27 7.49
CA GLY D 44 -28.88 7.95 8.75
C GLY D 44 -27.60 8.35 9.46
N LEU D 45 -26.44 8.08 8.86
CA LEU D 45 -25.21 8.68 9.38
C LEU D 45 -25.32 10.17 9.13
N SER D 46 -24.43 10.91 9.78
CA SER D 46 -24.30 12.33 9.57
C SER D 46 -23.77 12.55 8.17
N ASP D 47 -24.12 13.68 7.56
CA ASP D 47 -23.63 14.03 6.23
C ASP D 47 -22.09 14.12 6.14
N SER D 48 -21.47 14.48 7.25
CA SER D 48 -20.01 14.50 7.42
C SER D 48 -19.34 13.23 6.90
N TRP D 49 -19.91 12.09 7.31
CA TRP D 49 -19.52 10.78 6.89
C TRP D 49 -19.75 10.54 5.38
N HIS D 50 -20.84 11.07 4.83
CA HIS D 50 -21.17 10.88 3.40
C HIS D 50 -20.27 11.70 2.49
N GLN D 51 -19.68 12.75 3.05
CA GLN D 51 -18.92 13.69 2.29
C GLN D 51 -17.42 13.47 2.41
N CYS D 52 -16.98 12.46 3.13
N CYS D 52 -17.05 12.40 3.14
CA CYS D 52 -15.55 12.31 3.32
CA CYS D 52 -15.65 11.96 3.37
C CYS D 52 -14.95 11.48 2.19
C CYS D 52 -14.98 11.51 2.07
N ASN D 53 -13.66 11.71 1.98
CA ASN D 53 -12.89 11.11 0.94
C ASN D 53 -11.53 10.67 1.48
N GLU D 54 -10.66 10.21 0.58
CA GLU D 54 -9.28 9.85 0.93
C GLU D 54 -8.30 10.97 0.61
N GLY D 55 -8.77 12.22 0.64
CA GLY D 55 -7.92 13.39 0.44
C GLY D 55 -8.19 14.04 -0.91
N TYR D 56 -7.37 15.02 -1.24
CA TYR D 56 -7.65 15.98 -2.30
C TYR D 56 -7.83 15.24 -3.60
N GLU D 57 -8.88 15.59 -4.33
CA GLU D 57 -9.17 14.97 -5.63
C GLU D 57 -9.50 13.48 -5.61
N THR D 58 -10.10 13.02 -4.52
CA THR D 58 -10.66 11.69 -4.48
C THR D 58 -12.18 11.78 -4.25
N TRP D 59 -12.93 10.77 -4.65
CA TRP D 59 -14.39 10.84 -4.56
C TRP D 59 -14.90 10.79 -3.13
N THR D 60 -16.01 11.44 -2.87
CA THR D 60 -16.70 11.30 -1.59
C THR D 60 -17.38 9.96 -1.53
N VAL D 61 -17.72 9.52 -0.32
CA VAL D 61 -18.53 8.30 -0.11
C VAL D 61 -19.81 8.32 -0.98
N TYR D 62 -20.48 9.48 -1.02
CA TYR D 62 -21.69 9.71 -1.82
C TYR D 62 -21.47 9.49 -3.31
N GLU D 63 -20.37 10.05 -3.81
CA GLU D 63 -19.98 9.89 -5.20
C GLU D 63 -19.67 8.42 -5.53
N VAL D 64 -19.16 7.67 -4.56
CA VAL D 64 -18.87 6.25 -4.81
C VAL D 64 -20.20 5.51 -4.98
N VAL D 65 -21.17 5.80 -4.11
CA VAL D 65 -22.54 5.24 -4.24
C VAL D 65 -23.20 5.59 -5.60
N VAL D 66 -23.22 6.87 -5.98
CA VAL D 66 -23.66 7.25 -7.36
C VAL D 66 -22.92 6.46 -8.49
N HIS D 67 -21.62 6.31 -8.36
CA HIS D 67 -20.82 5.59 -9.34
C HIS D 67 -21.25 4.10 -9.49
N LEU D 68 -21.51 3.45 -8.37
CA LEU D 68 -22.05 2.10 -8.37
C LEU D 68 -23.39 2.02 -9.12
N ILE D 69 -24.24 3.05 -8.94
CA ILE D 69 -25.49 3.15 -9.65
C ILE D 69 -25.22 3.24 -11.19
N GLU D 70 -24.27 4.09 -11.58
CA GLU D 70 -23.88 4.32 -12.97
C GLU D 70 -23.33 3.07 -13.69
N ALA D 71 -22.51 2.31 -12.94
CA ALA D 71 -22.08 1.00 -13.37
C ALA D 71 -23.27 0.05 -13.60
N GLU D 72 -24.29 0.14 -12.74
CA GLU D 72 -25.47 -0.73 -12.93
C GLU D 72 -26.22 -0.37 -14.19
N LYS D 73 -26.13 0.87 -14.63
CA LYS D 73 -26.84 1.31 -15.80
C LYS D 73 -26.09 1.06 -17.09
N THR D 74 -24.78 1.32 -17.13
CA THR D 74 -24.04 1.27 -18.41
C THR D 74 -22.96 0.21 -18.57
N ASN D 75 -22.61 -0.50 -17.49
CA ASN D 75 -21.42 -1.32 -17.49
C ASN D 75 -21.65 -2.88 -17.56
N TRP D 76 -21.90 -3.53 -16.43
CA TRP D 76 -21.87 -4.99 -16.31
C TRP D 76 -22.88 -5.71 -17.21
N ILE D 77 -24.15 -5.42 -17.05
CA ILE D 77 -25.18 -6.10 -17.83
C ILE D 77 -25.09 -5.80 -19.35
N PRO D 78 -25.00 -4.52 -19.72
CA PRO D 78 -24.72 -4.17 -21.09
C PRO D 78 -23.55 -4.88 -21.74
N ARG D 79 -22.45 -5.07 -21.03
CA ARG D 79 -21.31 -5.79 -21.62
C ARG D 79 -21.55 -7.29 -21.70
N LEU D 80 -22.22 -7.83 -20.69
CA LEU D 80 -22.67 -9.24 -20.73
C LEU D 80 -23.51 -9.53 -21.98
N ARG D 81 -24.53 -8.67 -22.19
CA ARG D 81 -25.38 -8.73 -23.33
C ARG D 81 -24.55 -8.66 -24.61
N PHE D 82 -23.62 -7.72 -24.66
CA PHE D 82 -22.76 -7.58 -25.82
C PHE D 82 -21.90 -8.84 -26.04
N ILE D 83 -21.29 -9.39 -24.99
CA ILE D 83 -20.54 -10.65 -25.16
C ILE D 83 -21.44 -11.70 -25.82
N LEU D 84 -22.63 -11.88 -25.26
CA LEU D 84 -23.48 -12.99 -25.67
C LEU D 84 -24.06 -12.76 -27.04
N GLN D 85 -24.23 -11.50 -27.42
CA GLN D 85 -24.85 -11.20 -28.69
C GLN D 85 -23.87 -11.01 -29.83
N GLU D 86 -22.73 -10.38 -29.56
CA GLU D 86 -21.76 -10.03 -30.60
C GLU D 86 -20.50 -10.90 -30.66
N GLY D 87 -20.25 -11.70 -29.62
CA GLY D 87 -19.00 -12.44 -29.52
C GLY D 87 -17.78 -11.56 -29.76
N GLU D 88 -16.74 -12.12 -30.36
CA GLU D 88 -15.47 -11.43 -30.49
C GLU D 88 -15.39 -10.49 -31.67
N HIS D 89 -16.47 -10.37 -32.44
CA HIS D 89 -16.44 -9.64 -33.72
C HIS D 89 -16.44 -8.12 -33.62
N LYS D 90 -16.86 -7.62 -32.46
CA LYS D 90 -16.87 -6.19 -32.22
C LYS D 90 -16.39 -6.00 -30.80
N PRO D 91 -15.64 -4.93 -30.55
CA PRO D 91 -15.22 -4.59 -29.19
C PRO D 91 -16.36 -3.93 -28.43
N PHE D 92 -16.36 -4.04 -27.09
CA PHE D 92 -17.37 -3.34 -26.31
C PHE D 92 -17.41 -1.85 -26.66
N PRO D 93 -18.62 -1.28 -26.75
CA PRO D 93 -18.70 0.13 -27.04
C PRO D 93 -18.26 0.98 -25.84
N ALA D 94 -17.95 2.23 -26.13
CA ALA D 94 -17.68 3.23 -25.10
C ALA D 94 -18.88 3.35 -24.16
N PHE D 95 -18.59 3.45 -22.87
CA PHE D 95 -19.62 3.59 -21.85
C PHE D 95 -20.49 4.84 -22.07
N ASP D 96 -21.77 4.76 -21.70
CA ASP D 96 -22.61 5.96 -21.64
C ASP D 96 -21.95 7.04 -20.76
N ARG D 97 -22.14 8.30 -21.14
CA ARG D 97 -21.66 9.45 -20.37
C ARG D 97 -22.80 9.89 -19.46
N PHE D 98 -22.45 10.52 -18.34
CA PHE D 98 -23.42 10.92 -17.32
C PHE D 98 -23.43 12.42 -17.08
N SER D 99 -24.62 12.97 -16.93
CA SER D 99 -24.77 14.38 -16.59
C SER D 99 -24.20 14.64 -15.20
N HIS D 100 -23.47 15.74 -15.02
CA HIS D 100 -22.90 16.08 -13.71
C HIS D 100 -24.01 16.29 -12.67
N LEU D 101 -23.73 15.89 -11.43
CA LEU D 101 -24.69 16.02 -10.34
C LEU D 101 -25.02 17.50 -10.05
N ASN D 102 -24.04 18.39 -10.24
CA ASN D 102 -24.25 19.88 -10.13
C ASN D 102 -25.28 20.49 -11.11
N GLN D 103 -25.80 19.68 -12.05
CA GLN D 103 -26.88 20.09 -12.97
C GLN D 103 -28.28 19.58 -12.50
N SER D 104 -28.55 19.60 -11.19
CA SER D 104 -29.86 19.22 -10.65
C SER D 104 -29.83 19.30 -9.13
CA ASN D 105 -29.32 17.55 -6.79
C ASN D 105 -29.38 18.73 -5.79
N ALA D 106 -29.13 18.48 -4.50
CA ALA D 106 -28.61 17.21 -3.97
C ALA D 106 -29.72 16.19 -3.78
N VAL D 107 -29.60 15.02 -4.41
CA VAL D 107 -30.52 13.91 -4.13
C VAL D 107 -30.09 13.31 -2.77
N PRO D 108 -31.05 13.12 -1.85
CA PRO D 108 -30.69 12.48 -0.60
C PRO D 108 -30.12 11.09 -0.86
N ILE D 109 -29.12 10.71 -0.08
CA ILE D 109 -28.44 9.43 -0.22
C ILE D 109 -29.44 8.26 -0.07
N SER D 110 -30.49 8.45 0.74
CA SER D 110 -31.48 7.41 0.93
C SER D 110 -32.19 7.02 -0.36
N GLU D 111 -32.36 7.99 -1.24
CA GLU D 111 -32.94 7.74 -2.55
C GLU D 111 -31.92 7.06 -3.44
N ARG D 112 -30.64 7.37 -3.24
CA ARG D 112 -29.59 6.63 -3.96
C ARG D 112 -29.63 5.15 -3.62
N PHE D 113 -29.81 4.82 -2.34
CA PHE D 113 -29.82 3.42 -1.90
C PHE D 113 -30.99 2.66 -2.51
N LYS D 114 -32.12 3.35 -2.60
CA LYS D 114 -33.31 2.80 -3.20
C LYS D 114 -33.06 2.49 -4.68
N GLU D 115 -32.50 3.46 -5.40
CA GLU D 115 -32.19 3.28 -6.81
C GLU D 115 -31.20 2.11 -6.98
N PHE D 116 -30.14 2.08 -6.17
CA PHE D 116 -29.11 1.05 -6.31
C PHE D 116 -29.66 -0.33 -6.07
N GLN D 117 -30.53 -0.46 -5.06
CA GLN D 117 -31.16 -1.72 -4.75
C GLN D 117 -32.02 -2.20 -5.90
N GLN D 118 -32.75 -1.30 -6.53
CA GLN D 118 -33.66 -1.66 -7.60
C GLN D 118 -32.91 -2.06 -8.85
N LEU D 119 -31.92 -1.26 -9.25
CA LEU D 119 -31.09 -1.58 -10.40
C LEU D 119 -30.39 -2.90 -10.20
N ARG D 120 -29.82 -3.12 -9.01
CA ARG D 120 -29.08 -4.35 -8.73
C ARG D 120 -30.02 -5.57 -8.82
N LYS D 121 -31.22 -5.44 -8.25
CA LYS D 121 -32.20 -6.52 -8.24
C LYS D 121 -32.62 -6.96 -9.63
N GLU D 122 -32.94 -5.96 -10.45
CA GLU D 122 -33.21 -6.13 -11.85
C GLU D 122 -32.05 -6.81 -12.58
N ASN D 123 -30.84 -6.34 -12.30
CA ASN D 123 -29.63 -6.77 -13.02
C ASN D 123 -29.26 -8.21 -12.73
N LEU D 124 -29.57 -8.67 -11.53
CA LEU D 124 -29.35 -10.10 -11.16
C LEU D 124 -30.41 -10.98 -11.80
N ASN D 125 -31.63 -10.49 -11.98
CA ASN D 125 -32.63 -11.23 -12.77
C ASN D 125 -32.25 -11.36 -14.24
N THR D 126 -31.70 -10.31 -14.82
CA THR D 126 -31.15 -10.36 -16.19
C THR D 126 -29.91 -11.29 -16.29
N LEU D 127 -29.04 -11.23 -15.28
CA LEU D 127 -27.85 -12.10 -15.23
C LEU D 127 -28.34 -13.56 -15.35
N ARG D 128 -29.24 -13.93 -14.44
CA ARG D 128 -29.83 -15.26 -14.39
C ARG D 128 -30.58 -15.72 -15.66
N SER D 129 -31.10 -14.78 -16.45
CA SER D 129 -31.72 -15.08 -17.74
C SER D 129 -30.71 -15.23 -18.86
N LEU D 130 -29.61 -14.51 -18.76
CA LEU D 130 -28.63 -14.47 -19.83
C LEU D 130 -27.64 -15.60 -19.65
N VAL D 131 -27.19 -15.82 -18.41
CA VAL D 131 -26.29 -16.89 -18.06
C VAL D 131 -27.10 -18.02 -17.35
N GLN D 132 -27.43 -19.04 -18.11
CA GLN D 132 -28.31 -20.12 -17.68
C GLN D 132 -27.65 -21.49 -17.63
N SER D 133 -26.36 -21.54 -17.88
CA SER D 133 -25.57 -22.74 -17.64
C SER D 133 -24.13 -22.36 -17.37
N GLU D 134 -23.46 -23.19 -16.60
CA GLU D 134 -22.07 -22.99 -16.31
C GLU D 134 -21.16 -22.92 -17.58
N ALA D 135 -21.51 -23.68 -18.63
CA ALA D 135 -20.73 -23.63 -19.87
C ALA D 135 -20.65 -22.22 -20.45
N ASP D 136 -21.68 -21.40 -20.20
CA ASP D 136 -21.78 -20.07 -20.77
C ASP D 136 -20.77 -19.07 -20.16
N LEU D 137 -20.18 -19.44 -19.04
CA LEU D 137 -19.13 -18.67 -18.41
C LEU D 137 -17.86 -18.53 -19.24
N GLU D 138 -17.62 -19.44 -20.18
CA GLU D 138 -16.46 -19.35 -21.10
C GLU D 138 -16.75 -18.61 -22.41
N ARG D 139 -17.97 -18.12 -22.58
CA ARG D 139 -18.25 -17.36 -23.78
C ARG D 139 -17.43 -16.07 -23.79
N THR D 140 -16.97 -15.70 -24.98
CA THR D 140 -15.92 -14.72 -25.15
C THR D 140 -16.43 -13.51 -25.94
N GLY D 141 -15.96 -12.34 -25.54
CA GLY D 141 -16.20 -11.11 -26.29
C GLY D 141 -14.89 -10.41 -26.42
N ALA D 142 -14.92 -9.20 -26.96
CA ALA D 142 -13.73 -8.39 -27.21
C ALA D 142 -13.80 -7.06 -26.41
N HIS D 143 -12.87 -6.92 -25.47
CA HIS D 143 -12.67 -5.66 -24.79
C HIS D 143 -11.79 -4.79 -25.70
N PRO D 144 -12.12 -3.49 -25.81
CA PRO D 144 -11.36 -2.60 -26.73
C PRO D 144 -9.86 -2.49 -26.45
N ALA D 145 -9.43 -2.72 -25.24
CA ALA D 145 -8.01 -2.63 -24.92
C ALA D 145 -7.43 -3.96 -24.48
N PHE D 146 -8.21 -4.80 -23.81
CA PHE D 146 -7.68 -6.06 -23.29
C PHE D 146 -7.73 -7.20 -24.25
N GLY D 147 -8.48 -7.07 -25.34
CA GLY D 147 -8.67 -8.17 -26.28
C GLY D 147 -9.74 -9.14 -25.82
N VAL D 148 -9.55 -10.42 -26.08
CA VAL D 148 -10.58 -11.44 -25.77
C VAL D 148 -10.82 -11.59 -24.28
N VAL D 149 -12.09 -11.52 -23.88
CA VAL D 149 -12.51 -11.66 -22.47
C VAL D 149 -13.65 -12.66 -22.41
N LYS D 150 -13.79 -13.32 -21.26
CA LYS D 150 -14.82 -14.32 -20.99
C LYS D 150 -15.89 -13.80 -20.03
N VAL D 151 -17.08 -14.41 -20.03
CA VAL D 151 -18.20 -14.01 -19.15
C VAL D 151 -17.70 -14.04 -17.72
N ARG D 152 -16.98 -15.11 -17.38
CA ARG D 152 -16.56 -15.33 -15.98
C ARG D 152 -15.65 -14.24 -15.45
N GLU D 153 -14.82 -13.67 -16.34
CA GLU D 153 -13.96 -12.54 -16.01
C GLU D 153 -14.74 -11.24 -15.80
N LEU D 154 -15.72 -10.96 -16.66
CA LEU D 154 -16.62 -9.83 -16.47
C LEU D 154 -17.37 -9.93 -15.13
N LEU D 155 -17.93 -11.08 -14.84
CA LEU D 155 -18.71 -11.29 -13.63
C LEU D 155 -17.85 -11.25 -12.36
N SER D 156 -16.63 -11.80 -12.45
CA SER D 156 -15.65 -11.74 -11.38
C SER D 156 -15.27 -10.31 -11.13
N ALA D 157 -15.03 -9.57 -12.20
CA ALA D 157 -14.69 -8.15 -12.12
C ALA D 157 -15.84 -7.38 -11.48
N TRP D 158 -17.08 -7.77 -11.80
CA TRP D 158 -18.24 -7.12 -11.19
C TRP D 158 -18.21 -7.28 -9.67
N VAL D 159 -17.94 -8.48 -9.20
CA VAL D 159 -17.93 -8.75 -7.76
C VAL D 159 -16.82 -7.95 -7.10
N VAL D 160 -15.63 -7.98 -7.70
CA VAL D 160 -14.47 -7.26 -7.14
C VAL D 160 -14.67 -5.75 -7.20
N HIS D 161 -15.43 -5.29 -8.20
CA HIS D 161 -15.74 -3.86 -8.31
C HIS D 161 -16.54 -3.41 -7.08
N ASP D 162 -17.56 -4.18 -6.70
CA ASP D 162 -18.34 -3.88 -5.51
C ASP D 162 -17.44 -3.75 -4.31
N LEU D 163 -16.63 -4.78 -4.10
CA LEU D 163 -15.77 -4.90 -2.93
C LEU D 163 -14.75 -3.77 -2.87
N THR D 164 -14.15 -3.42 -4.03
CA THR D 164 -13.12 -2.37 -4.12
C THR D 164 -13.63 -1.00 -3.69
N HIS D 165 -14.84 -0.71 -4.12
CA HIS D 165 -15.52 0.52 -3.73
C HIS D 165 -16.10 0.51 -2.31
N ILE D 166 -16.53 -0.64 -1.79
CA ILE D 166 -16.85 -0.72 -0.34
C ILE D 166 -15.62 -0.35 0.50
N ALA D 167 -14.46 -0.86 0.11
CA ALA D 167 -13.19 -0.63 0.75
C ALA D 167 -12.84 0.86 0.70
N GLN D 168 -13.07 1.46 -0.47
CA GLN D 168 -12.82 2.89 -0.70
C GLN D 168 -13.65 3.72 0.25
N ILE D 169 -14.92 3.36 0.34
CA ILE D 169 -15.83 4.02 1.25
C ILE D 169 -15.34 3.93 2.70
N VAL D 170 -15.06 2.72 3.18
CA VAL D 170 -14.60 2.47 4.53
C VAL D 170 -13.27 3.24 4.83
N ARG D 171 -12.33 3.23 3.88
CA ARG D 171 -11.02 3.94 4.06
C ARG D 171 -11.16 5.44 4.14
N SER D 172 -12.15 5.95 3.40
CA SER D 172 -12.43 7.41 3.37
C SER D 172 -12.96 7.86 4.71
N MSE D 173 -13.84 7.04 5.28
CA MSE D 173 -14.33 7.26 6.62
C MSE D 173 -13.26 7.07 7.72
O MSE D 173 -13.17 7.88 8.63
CB MSE D 173 -15.50 6.34 6.86
CG MSE D 173 -16.73 6.67 6.01
SE MSE D 173 -18.04 5.23 5.98
CE MSE D 173 -18.71 5.52 7.74
N ALA D 174 -12.45 6.03 7.63
CA ALA D 174 -11.33 5.88 8.58
C ALA D 174 -10.39 7.11 8.62
N LYS D 175 -10.18 7.71 7.45
CA LYS D 175 -9.17 8.75 7.25
C LYS D 175 -9.55 10.02 7.95
N ARG D 176 -10.86 10.16 8.13
CA ARG D 176 -11.45 11.26 8.83
C ARG D 176 -10.86 11.43 10.23
N TYR D 177 -10.35 10.33 10.81
CA TYR D 177 -9.84 10.34 12.17
C TYR D 177 -8.33 10.10 12.27
N ASP D 178 -7.61 10.36 11.18
CA ASP D 178 -6.16 10.13 11.18
C ASP D 178 -5.45 10.84 12.30
N THR D 179 -5.87 12.08 12.58
CA THR D 179 -5.26 12.87 13.64
C THR D 179 -5.90 12.51 14.98
N ASP D 180 -7.20 12.24 14.95
CA ASP D 180 -7.95 11.95 16.16
C ASP D 180 -7.47 10.72 16.94
N VAL D 181 -6.90 9.75 16.23
CA VAL D 181 -6.40 8.51 16.84
C VAL D 181 -5.03 8.67 17.51
N GLY D 182 -4.36 9.80 17.31
CA GLY D 182 -3.16 10.13 18.13
C GLY D 182 -2.13 9.08 17.83
N PRO D 183 -1.48 8.52 18.88
CA PRO D 183 -0.38 7.57 18.64
C PRO D 183 -0.80 6.19 18.20
N TRP D 184 -2.09 5.88 18.15
CA TRP D 184 -2.51 4.57 17.59
C TRP D 184 -2.45 4.51 16.06
N LYS D 185 -2.15 5.64 15.43
CA LYS D 185 -2.13 5.75 13.96
C LYS D 185 -1.29 4.68 13.27
N GLU D 186 -0.03 4.55 13.67
CA GLU D 186 0.83 3.58 13.03
C GLU D 186 0.33 2.15 13.25
N TYR D 187 0.08 1.75 14.48
CA TYR D 187 -0.37 0.39 14.73
C TYR D 187 -1.71 0.04 14.06
N LEU D 188 -2.62 1.01 13.94
CA LEU D 188 -3.85 0.80 13.18
C LEU D 188 -3.61 0.43 11.73
N GLY D 189 -2.37 0.57 11.28
CA GLY D 189 -1.96 0.07 9.95
C GLY D 189 -1.37 -1.34 9.96
N ILE D 190 -1.25 -1.93 11.16
CA ILE D 190 -0.59 -3.24 11.32
C ILE D 190 -1.62 -4.30 11.61
N LEU D 191 -1.81 -5.17 10.64
CA LEU D 191 -2.82 -6.20 10.68
C LEU D 191 -2.28 -7.55 11.07
N ASN D 192 -3.18 -8.46 11.45
CA ASN D 192 -2.84 -9.85 11.72
C ASN D 192 -1.87 -10.00 12.90
N ASP D 193 -1.98 -9.10 13.87
CA ASP D 193 -1.15 -9.11 15.06
C ASP D 193 -2.00 -8.95 16.30
NI NI E . 14.15 -11.37 -2.06
N1 IMD F . 12.12 -10.77 -2.77
C2 IMD F . 11.55 -9.57 -2.93
N3 IMD F . 10.24 -9.76 -2.99
C4 IMD F . 9.98 -11.07 -2.89
C5 IMD F . 11.16 -11.70 -2.74
N1 IMD G . 20.07 -10.65 -27.20
C2 IMD G . 21.16 -11.33 -26.74
N3 IMD G . 20.73 -12.46 -26.12
C4 IMD G . 19.38 -12.48 -26.17
C5 IMD G . 18.96 -11.34 -26.85
N1 IMD H . 7.63 15.07 -2.45
C2 IMD H . 7.74 13.81 -1.99
N3 IMD H . 6.66 13.55 -1.25
C4 IMD H . 5.87 14.66 -1.25
C5 IMD H . 6.50 15.62 -2.01
C1 GOL I . 18.29 -12.14 5.63
O1 GOL I . 19.58 -11.63 5.26
C2 GOL I . 18.26 -12.79 7.03
O2 GOL I . 18.03 -14.20 6.96
C3 GOL I . 17.20 -12.14 7.91
O3 GOL I . 17.44 -12.31 9.30
C1 GOL J . -0.23 0.17 -17.64
O1 GOL J . 0.31 0.05 -18.94
C2 GOL J . 0.19 1.49 -16.99
O2 GOL J . -0.26 1.53 -15.65
C3 GOL J . -0.24 2.72 -17.83
O3 GOL J . -1.26 3.53 -17.27
C1 GOL K . 20.39 0.25 -29.69
O1 GOL K . 20.78 1.06 -30.79
C2 GOL K . 20.28 -1.21 -30.14
O2 GOL K . 19.01 -1.43 -30.73
C3 GOL K . 20.49 -2.20 -28.99
O3 GOL K . 21.32 -3.27 -29.42
NI NI L . 8.90 16.16 -3.93
C1 GOL M . 15.43 27.94 19.55
O1 GOL M . 14.88 29.23 19.73
C2 GOL M . 16.28 27.41 20.73
O2 GOL M . 17.47 26.82 20.21
C3 GOL M . 15.60 26.44 21.73
O3 GOL M . 14.27 26.04 21.47
NI NI N . -7.32 -5.31 15.65
N1 IMD O . -13.28 0.86 -10.33
C2 IMD O . -12.38 0.79 -11.31
N3 IMD O . -11.23 0.36 -10.79
C4 IMD O . -11.43 0.14 -9.46
C5 IMD O . -12.73 0.46 -9.16
N1 IMD P . -6.06 -3.72 14.56
C2 IMD P . -6.28 -3.19 13.35
N3 IMD P . -5.16 -2.54 12.99
C4 IMD P . -4.26 -2.67 14.00
C5 IMD P . -4.82 -3.42 14.98
C1 GOL Q . -18.54 -21.27 10.76
O1 GOL Q . -19.71 -20.69 10.26
C2 GOL Q . -18.29 -22.64 10.10
O2 GOL Q . -17.03 -23.12 10.53
C3 GOL Q . -19.44 -23.62 10.35
O3 GOL Q . -19.30 -24.30 11.57
NI NI R . -15.33 1.82 -10.41
C1 GOL S . -27.87 -19.10 -11.30
O1 GOL S . -29.25 -18.97 -11.45
C2 GOL S . -27.53 -20.14 -10.23
O2 GOL S . -28.40 -21.24 -10.28
C3 GOL S . -26.11 -20.65 -10.42
O3 GOL S . -25.83 -21.72 -9.54
C1 GOL T . -19.56 9.59 -9.28
O1 GOL T . -20.39 10.58 -8.73
C2 GOL T . -19.03 10.05 -10.64
O2 GOL T . -19.00 8.95 -11.51
C3 GOL T . -17.65 10.71 -10.51
O3 GOL T . -17.06 10.83 -11.78
#